data_1ULT
#
_entry.id   1ULT
#
_cell.length_a   55.952
_cell.length_b   124.687
_cell.length_c   212.471
_cell.angle_alpha   90.00
_cell.angle_beta   90.00
_cell.angle_gamma   90.00
#
_symmetry.space_group_name_H-M   'P 21 21 21'
#
loop_
_entity.id
_entity.type
_entity.pdbx_description
1 polymer 'long chain fatty acid-CoA ligase'
2 non-polymer 'CITRIC ACID'
3 water water
#
_entity_poly.entity_id   1
_entity_poly.type   'polypeptide(L)'
_entity_poly.pdbx_seq_one_letter_code
;MEGERMNAFPSTMMDEELNLWDFLERAAALFGRKEVVSRLHTGEVHRTTYAEVYQRARRLMGGLRALGVGVGDRVATLGF
NHFRHLEAYFAVPGMGAVLHTANPRLSPKEIAYILNHAEDKVLLFDPNLLPLVEAIRGELKTVQHFVVMDEKAPEGYLAY
EEALGEEADPVRVPERAACGMAYTTGTTGLPKGVVYSHRALVLHSLAASLVDGTALSEKDVVLPVVPMFHVNAWCLPYAA
TLVGAKQVLPGPRLDPASLVELFDGEGVTFTAGVPTVWLALADYLESTGHRLKTLRRLVVGGSAAPRSLIARFERMGVEV
RQGYGLTETSPVVVQNFVKSHLESLSEEEKLTLKAKTGLPIPLVRLRVADEEGRPVPKDGKALGEVQLKGPWITGGYYGN
EEATRSALTPDGFFRTGDIAVWDEEGYVEIKDRLKDLIKSGGEWISSVDLENALMGHPKVKEAAVVAIPHPKWQERPLAV
VVPRGEKPTPEELNEHLLKAGFAKWQLPDAYVFAEEIPRTSAGKFLKRALREQYKNYYGGA
;
_entity_poly.pdbx_strand_id   A,B
#
loop_
_chem_comp.id
_chem_comp.type
_chem_comp.name
_chem_comp.formula
CIT non-polymer 'CITRIC ACID' 'C6 H8 O7'
#
# COMPACT_ATOMS: atom_id res chain seq x y z
N ALA A 8 -19.16 -10.42 16.12
CA ALA A 8 -17.85 -10.90 16.68
C ALA A 8 -17.53 -10.15 17.96
N PHE A 9 -16.25 -9.86 18.15
CA PHE A 9 -15.77 -9.13 19.31
C PHE A 9 -15.52 -7.71 18.79
N PRO A 10 -16.10 -6.70 19.46
CA PRO A 10 -15.93 -5.30 19.04
C PRO A 10 -14.51 -4.77 19.23
N SER A 11 -14.03 -3.95 18.30
CA SER A 11 -12.69 -3.40 18.46
C SER A 11 -12.84 -2.06 19.15
N THR A 12 -11.73 -1.41 19.48
CA THR A 12 -11.80 -0.11 20.12
C THR A 12 -11.31 0.96 19.14
N MET A 13 -11.06 0.55 17.89
CA MET A 13 -10.59 1.45 16.85
C MET A 13 -11.64 2.54 16.64
N MET A 14 -11.21 3.78 16.47
CA MET A 14 -12.18 4.85 16.29
C MET A 14 -12.90 4.76 14.95
N ASP A 15 -14.14 5.27 14.93
CA ASP A 15 -14.94 5.28 13.71
C ASP A 15 -14.36 6.38 12.83
N GLU A 16 -13.88 5.99 11.66
CA GLU A 16 -13.30 6.93 10.73
C GLU A 16 -13.61 6.44 9.34
N GLU A 17 -13.52 7.33 8.37
CA GLU A 17 -13.77 6.97 6.98
C GLU A 17 -12.56 7.38 6.17
N LEU A 18 -12.29 6.67 5.08
CA LEU A 18 -11.20 7.06 4.19
C LEU A 18 -11.80 8.14 3.30
N ASN A 19 -10.98 9.10 2.87
CA ASN A 19 -11.48 10.17 2.01
C ASN A 19 -10.35 10.79 1.18
N LEU A 20 -10.60 10.88 -0.12
CA LEU A 20 -9.62 11.43 -1.03
C LEU A 20 -9.08 12.78 -0.61
N TRP A 21 -9.95 13.63 -0.08
CA TRP A 21 -9.54 14.96 0.31
C TRP A 21 -8.33 14.96 1.23
N ASP A 22 -8.25 13.93 2.09
CA ASP A 22 -7.15 13.80 3.03
C ASP A 22 -5.76 13.85 2.36
N PHE A 23 -5.65 13.30 1.15
CA PHE A 23 -4.40 13.29 0.40
C PHE A 23 -3.92 14.74 0.14
N LEU A 24 -4.83 15.58 -0.34
CA LEU A 24 -4.49 16.96 -0.67
C LEU A 24 -4.21 17.80 0.58
N GLU A 25 -4.92 17.51 1.66
CA GLU A 25 -4.73 18.22 2.92
C GLU A 25 -3.36 17.86 3.50
N ARG A 26 -3.02 16.58 3.43
CA ARG A 26 -1.73 16.12 3.92
C ARG A 26 -0.62 16.73 3.08
N ALA A 27 -0.84 16.76 1.76
CA ALA A 27 0.13 17.31 0.83
C ALA A 27 0.36 18.78 1.11
N ALA A 28 -0.72 19.52 1.36
CA ALA A 28 -0.61 20.95 1.64
C ALA A 28 0.16 21.22 2.93
N ALA A 29 0.03 20.33 3.92
CA ALA A 29 0.70 20.53 5.18
C ALA A 29 2.16 20.05 5.19
N LEU A 30 2.44 18.89 4.57
CA LEU A 30 3.78 18.33 4.58
C LEU A 30 4.64 18.58 3.33
N PHE A 31 3.99 18.76 2.19
CA PHE A 31 4.72 18.95 0.94
C PHE A 31 4.17 20.15 0.18
N GLY A 32 3.82 21.19 0.94
CA GLY A 32 3.23 22.38 0.37
C GLY A 32 3.94 23.07 -0.77
N ARG A 33 5.27 23.02 -0.77
CA ARG A 33 6.02 23.67 -1.85
C ARG A 33 6.37 22.79 -3.03
N LYS A 34 6.05 21.50 -2.95
CA LYS A 34 6.34 20.61 -4.08
C LYS A 34 5.49 21.13 -5.23
N GLU A 35 6.10 21.19 -6.41
CA GLU A 35 5.46 21.73 -7.58
C GLU A 35 4.51 20.82 -8.36
N VAL A 36 3.59 21.49 -9.04
CA VAL A 36 2.64 20.89 -9.95
C VAL A 36 2.81 21.78 -11.18
N VAL A 37 3.50 21.25 -12.18
CA VAL A 37 3.78 21.96 -13.42
C VAL A 37 2.84 21.44 -14.50
N SER A 38 2.31 22.36 -15.32
CA SER A 38 1.37 21.98 -16.39
C SER A 38 1.67 22.68 -17.71
N ARG A 39 1.53 21.95 -18.82
CA ARG A 39 1.70 22.56 -20.13
C ARG A 39 0.29 22.67 -20.71
N LEU A 40 -0.18 23.89 -20.89
CA LEU A 40 -1.51 24.11 -21.43
C LEU A 40 -1.59 23.79 -22.92
N HIS A 41 -2.80 23.80 -23.49
CA HIS A 41 -2.98 23.49 -24.90
C HIS A 41 -2.20 24.44 -25.80
N THR A 42 -1.96 25.65 -25.31
CA THR A 42 -1.22 26.64 -26.09
C THR A 42 0.28 26.32 -26.10
N GLY A 43 0.70 25.45 -25.19
CA GLY A 43 2.11 25.08 -25.12
C GLY A 43 2.84 25.82 -24.01
N GLU A 44 2.16 26.77 -23.36
CA GLU A 44 2.80 27.51 -22.27
C GLU A 44 2.85 26.63 -21.03
N VAL A 45 3.84 26.87 -20.18
CA VAL A 45 4.00 26.09 -18.97
C VAL A 45 3.61 26.87 -17.71
N HIS A 46 2.62 26.35 -16.99
CA HIS A 46 2.14 26.95 -15.77
C HIS A 46 2.73 26.22 -14.55
N ARG A 47 3.07 26.98 -13.51
CA ARG A 47 3.66 26.40 -12.31
C ARG A 47 2.89 26.75 -11.02
N THR A 48 2.60 25.73 -10.22
CA THR A 48 1.93 25.94 -8.94
C THR A 48 2.45 24.93 -7.93
N THR A 49 1.79 24.83 -6.79
CA THR A 49 2.21 23.92 -5.73
C THR A 49 1.01 23.30 -5.04
N TYR A 50 1.25 22.27 -4.24
CA TYR A 50 0.18 21.62 -3.52
C TYR A 50 -0.55 22.61 -2.60
N ALA A 51 0.20 23.49 -1.95
CA ALA A 51 -0.40 24.47 -1.04
C ALA A 51 -1.42 25.34 -1.79
N GLU A 52 -1.03 25.80 -2.97
CA GLU A 52 -1.89 26.64 -3.77
C GLU A 52 -3.08 25.84 -4.31
N VAL A 53 -2.81 24.62 -4.78
CA VAL A 53 -3.84 23.75 -5.33
C VAL A 53 -4.90 23.46 -4.26
N TYR A 54 -4.45 23.30 -3.02
CA TYR A 54 -5.32 23.04 -1.89
C TYR A 54 -6.22 24.25 -1.62
N GLN A 55 -5.62 25.43 -1.60
CA GLN A 55 -6.36 26.64 -1.36
C GLN A 55 -7.37 26.91 -2.50
N ARG A 56 -6.91 26.73 -3.74
CA ARG A 56 -7.80 26.96 -4.88
C ARG A 56 -8.89 25.90 -4.96
N ALA A 57 -8.60 24.68 -4.51
CA ALA A 57 -9.58 23.61 -4.54
C ALA A 57 -10.68 23.88 -3.52
N ARG A 58 -10.31 24.50 -2.40
CA ARG A 58 -11.29 24.85 -1.38
C ARG A 58 -12.20 25.91 -1.98
N ARG A 59 -11.63 26.79 -2.80
CA ARG A 59 -12.43 27.83 -3.45
C ARG A 59 -13.30 27.22 -4.55
N LEU A 60 -12.84 26.11 -5.14
CA LEU A 60 -13.61 25.47 -6.19
C LEU A 60 -14.85 24.83 -5.56
N MET A 61 -14.70 24.29 -4.36
CA MET A 61 -15.84 23.68 -3.67
C MET A 61 -16.87 24.77 -3.38
N GLY A 62 -16.39 25.94 -2.95
CA GLY A 62 -17.28 27.04 -2.66
C GLY A 62 -18.01 27.49 -3.93
N GLY A 63 -17.26 27.65 -5.02
CA GLY A 63 -17.85 28.07 -6.27
C GLY A 63 -18.88 27.08 -6.80
N LEU A 64 -18.56 25.80 -6.72
CA LEU A 64 -19.47 24.77 -7.19
C LEU A 64 -20.74 24.77 -6.34
N ARG A 65 -20.58 25.02 -5.05
CA ARG A 65 -21.72 25.07 -4.16
C ARG A 65 -22.61 26.24 -4.57
N ALA A 66 -21.97 27.38 -4.88
CA ALA A 66 -22.69 28.57 -5.31
C ALA A 66 -23.48 28.28 -6.58
N LEU A 67 -23.02 27.30 -7.34
CA LEU A 67 -23.68 26.92 -8.60
C LEU A 67 -24.71 25.82 -8.39
N GLY A 68 -25.00 25.48 -7.14
CA GLY A 68 -26.00 24.46 -6.87
C GLY A 68 -25.54 23.01 -6.73
N VAL A 69 -24.24 22.76 -6.79
CA VAL A 69 -23.75 21.40 -6.65
C VAL A 69 -23.81 20.96 -5.19
N GLY A 70 -24.41 19.80 -4.93
CA GLY A 70 -24.49 19.32 -3.56
C GLY A 70 -24.02 17.89 -3.43
N VAL A 71 -24.05 17.36 -2.20
CA VAL A 71 -23.62 16.00 -1.98
C VAL A 71 -24.32 15.05 -2.94
N GLY A 72 -23.55 14.20 -3.60
CA GLY A 72 -24.13 13.24 -4.52
C GLY A 72 -24.34 13.70 -5.96
N ASP A 73 -24.24 15.00 -6.22
CA ASP A 73 -24.42 15.50 -7.58
C ASP A 73 -23.20 15.20 -8.44
N ARG A 74 -23.43 15.01 -9.74
CA ARG A 74 -22.36 14.75 -10.68
C ARG A 74 -21.86 16.00 -11.37
N VAL A 75 -20.54 16.16 -11.39
CA VAL A 75 -19.87 17.28 -12.03
C VAL A 75 -18.95 16.63 -13.05
N ALA A 76 -19.07 17.03 -14.32
CA ALA A 76 -18.24 16.41 -15.34
C ALA A 76 -17.06 17.25 -15.84
N THR A 77 -16.05 16.56 -16.35
CA THR A 77 -14.90 17.22 -16.94
C THR A 77 -14.69 16.65 -18.33
N LEU A 78 -14.18 17.51 -19.21
CA LEU A 78 -13.85 17.16 -20.57
C LEU A 78 -12.53 17.89 -20.76
N GLY A 79 -11.46 17.27 -20.30
CA GLY A 79 -10.18 17.93 -20.41
C GLY A 79 -8.99 17.01 -20.28
N PHE A 80 -7.82 17.60 -20.37
CA PHE A 80 -6.57 16.87 -20.29
C PHE A 80 -5.88 17.11 -18.97
N ASN A 81 -4.67 16.58 -18.82
CA ASN A 81 -3.91 16.71 -17.57
C ASN A 81 -3.27 18.08 -17.37
N HIS A 82 -3.76 18.80 -16.37
CA HIS A 82 -3.26 20.14 -16.01
C HIS A 82 -3.79 20.46 -14.62
N PHE A 83 -3.21 21.47 -13.97
CA PHE A 83 -3.59 21.84 -12.60
C PHE A 83 -5.06 22.06 -12.27
N ARG A 84 -5.85 22.59 -13.21
CA ARG A 84 -7.26 22.81 -12.89
C ARG A 84 -7.99 21.47 -12.78
N HIS A 85 -7.62 20.53 -13.64
CA HIS A 85 -8.22 19.22 -13.60
C HIS A 85 -7.81 18.53 -12.28
N LEU A 86 -6.61 18.87 -11.80
CA LEU A 86 -6.15 18.30 -10.53
C LEU A 86 -6.97 18.89 -9.40
N GLU A 87 -7.25 20.19 -9.46
CA GLU A 87 -8.04 20.82 -8.43
C GLU A 87 -9.46 20.23 -8.42
N ALA A 88 -9.99 19.93 -9.61
CA ALA A 88 -11.31 19.33 -9.70
C ALA A 88 -11.27 17.91 -9.11
N TYR A 89 -10.16 17.21 -9.35
CA TYR A 89 -9.98 15.85 -8.84
C TYR A 89 -10.19 15.77 -7.33
N PHE A 90 -9.91 16.86 -6.63
CA PHE A 90 -10.09 16.91 -5.18
C PHE A 90 -11.34 17.68 -4.75
N ALA A 91 -11.64 18.80 -5.40
CA ALA A 91 -12.80 19.61 -5.02
C ALA A 91 -14.14 18.86 -5.11
N VAL A 92 -14.39 18.22 -6.24
CA VAL A 92 -15.65 17.51 -6.40
C VAL A 92 -15.84 16.42 -5.34
N PRO A 93 -14.86 15.51 -5.20
CA PRO A 93 -15.02 14.46 -4.18
C PRO A 93 -14.99 15.06 -2.77
N GLY A 94 -14.18 16.09 -2.58
CA GLY A 94 -14.05 16.72 -1.28
C GLY A 94 -15.33 17.36 -0.74
N MET A 95 -16.24 17.72 -1.63
CA MET A 95 -17.49 18.34 -1.22
C MET A 95 -18.63 17.32 -1.25
N GLY A 96 -18.28 16.05 -1.44
CA GLY A 96 -19.29 15.02 -1.45
C GLY A 96 -19.90 14.75 -2.80
N ALA A 97 -19.45 15.48 -3.82
CA ALA A 97 -19.96 15.31 -5.17
C ALA A 97 -19.26 14.17 -5.92
N VAL A 98 -19.72 13.91 -7.14
CA VAL A 98 -19.18 12.83 -7.96
C VAL A 98 -18.54 13.33 -9.24
N LEU A 99 -17.24 13.08 -9.40
CA LEU A 99 -16.50 13.52 -10.57
C LEU A 99 -16.67 12.60 -11.77
N HIS A 100 -17.42 13.04 -12.77
CA HIS A 100 -17.62 12.22 -13.95
C HIS A 100 -16.60 12.68 -15.00
N THR A 101 -15.59 11.85 -15.25
CA THR A 101 -14.58 12.22 -16.25
C THR A 101 -14.94 11.66 -17.62
N ALA A 102 -15.13 12.56 -18.57
CA ALA A 102 -15.49 12.16 -19.92
C ALA A 102 -14.31 12.28 -20.89
N ASN A 103 -14.19 11.30 -21.78
CA ASN A 103 -13.13 11.27 -22.78
C ASN A 103 -13.44 12.24 -23.93
N PRO A 104 -12.63 13.30 -24.09
CA PRO A 104 -12.82 14.30 -25.15
C PRO A 104 -12.67 13.75 -26.57
N ARG A 105 -12.11 12.56 -26.71
CA ARG A 105 -11.91 11.97 -28.03
C ARG A 105 -13.07 11.10 -28.50
N LEU A 106 -14.12 11.00 -27.69
CA LEU A 106 -15.28 10.20 -28.07
C LEU A 106 -16.13 11.06 -29.01
N SER A 107 -16.99 10.41 -29.79
CA SER A 107 -17.85 11.15 -30.70
C SER A 107 -18.78 12.06 -29.90
N PRO A 108 -19.26 13.16 -30.51
CA PRO A 108 -20.16 14.09 -29.82
C PRO A 108 -21.42 13.41 -29.29
N LYS A 109 -21.92 12.43 -30.03
CA LYS A 109 -23.11 11.70 -29.63
C LYS A 109 -22.92 10.87 -28.38
N GLU A 110 -21.78 10.18 -28.28
CA GLU A 110 -21.50 9.36 -27.11
C GLU A 110 -21.28 10.24 -25.88
N ILE A 111 -20.67 11.40 -26.08
CA ILE A 111 -20.40 12.32 -24.98
C ILE A 111 -21.71 12.87 -24.45
N ALA A 112 -22.62 13.18 -25.36
CA ALA A 112 -23.93 13.70 -24.96
C ALA A 112 -24.66 12.60 -24.20
N TYR A 113 -24.54 11.36 -24.70
CA TYR A 113 -25.19 10.24 -24.08
C TYR A 113 -24.73 9.98 -22.64
N ILE A 114 -23.42 9.94 -22.42
CA ILE A 114 -22.92 9.69 -21.08
C ILE A 114 -23.17 10.87 -20.15
N LEU A 115 -23.12 12.09 -20.69
CA LEU A 115 -23.37 13.27 -19.85
C LEU A 115 -24.83 13.31 -19.44
N ASN A 116 -25.72 12.81 -20.31
CA ASN A 116 -27.14 12.81 -19.99
C ASN A 116 -27.48 11.62 -19.08
N HIS A 117 -26.80 10.51 -19.29
CA HIS A 117 -27.02 9.32 -18.48
C HIS A 117 -26.57 9.57 -17.05
N ALA A 118 -25.45 10.27 -16.89
CA ALA A 118 -24.92 10.59 -15.56
C ALA A 118 -25.62 11.80 -14.97
N GLU A 119 -26.40 12.48 -15.82
CA GLU A 119 -27.14 13.67 -15.43
C GLU A 119 -26.22 14.69 -14.76
N ASP A 120 -25.09 14.97 -15.40
CA ASP A 120 -24.15 15.95 -14.86
C ASP A 120 -24.84 17.31 -14.75
N LYS A 121 -24.62 17.97 -13.62
CA LYS A 121 -25.22 19.27 -13.36
C LYS A 121 -24.30 20.41 -13.78
N VAL A 122 -23.00 20.14 -13.82
CA VAL A 122 -22.02 21.13 -14.23
C VAL A 122 -20.96 20.46 -15.11
N LEU A 123 -20.42 21.20 -16.07
CA LEU A 123 -19.41 20.68 -16.96
C LEU A 123 -18.19 21.58 -17.03
N LEU A 124 -17.03 21.02 -16.68
CA LEU A 124 -15.78 21.77 -16.75
C LEU A 124 -15.05 21.20 -17.97
N PHE A 125 -14.66 22.07 -18.90
CA PHE A 125 -13.98 21.61 -20.11
C PHE A 125 -12.88 22.55 -20.57
N ASP A 126 -11.92 21.98 -21.29
CA ASP A 126 -10.79 22.75 -21.81
C ASP A 126 -11.21 23.67 -22.96
N PRO A 127 -10.58 24.86 -23.05
CA PRO A 127 -10.85 25.87 -24.08
C PRO A 127 -10.87 25.33 -25.50
N ASN A 128 -9.90 24.48 -25.82
CA ASN A 128 -9.81 23.91 -27.15
C ASN A 128 -10.94 22.90 -27.46
N LEU A 129 -11.87 22.72 -26.54
CA LEU A 129 -12.96 21.78 -26.77
C LEU A 129 -14.29 22.51 -26.91
N LEU A 130 -14.23 23.84 -26.82
CA LEU A 130 -15.42 24.66 -26.95
C LEU A 130 -16.23 24.31 -28.20
N PRO A 131 -15.56 24.15 -29.35
CA PRO A 131 -16.32 23.81 -30.56
C PRO A 131 -17.17 22.56 -30.34
N LEU A 132 -16.58 21.54 -29.73
CA LEU A 132 -17.31 20.30 -29.47
C LEU A 132 -18.49 20.54 -28.54
N VAL A 133 -18.22 21.21 -27.41
CA VAL A 133 -19.27 21.49 -26.43
C VAL A 133 -20.41 22.30 -27.06
N GLU A 134 -20.05 23.34 -27.79
CA GLU A 134 -21.04 24.19 -28.44
C GLU A 134 -21.95 23.39 -29.37
N ALA A 135 -21.38 22.37 -30.00
CA ALA A 135 -22.13 21.53 -30.92
C ALA A 135 -23.13 20.60 -30.24
N ILE A 136 -22.79 20.12 -29.05
CA ILE A 136 -23.68 19.21 -28.33
C ILE A 136 -24.52 19.87 -27.25
N ARG A 137 -24.20 21.12 -26.93
CA ARG A 137 -24.93 21.81 -25.88
C ARG A 137 -26.46 21.63 -25.94
N GLY A 138 -27.03 21.78 -27.13
CA GLY A 138 -28.47 21.63 -27.29
C GLY A 138 -29.04 20.26 -27.02
N GLU A 139 -28.17 19.24 -26.95
CA GLU A 139 -28.62 17.87 -26.69
C GLU A 139 -28.49 17.48 -25.22
N LEU A 140 -27.88 18.33 -24.41
CA LEU A 140 -27.69 18.05 -23.01
C LEU A 140 -28.94 18.45 -22.24
N LYS A 141 -29.53 17.50 -21.53
CA LYS A 141 -30.75 17.76 -20.77
C LYS A 141 -30.55 18.19 -19.33
N THR A 142 -29.36 17.98 -18.78
CA THR A 142 -29.12 18.32 -17.38
C THR A 142 -28.02 19.31 -17.02
N VAL A 143 -27.07 19.55 -17.91
CA VAL A 143 -26.02 20.50 -17.59
C VAL A 143 -26.59 21.91 -17.45
N GLN A 144 -26.43 22.50 -16.25
CA GLN A 144 -26.93 23.83 -15.97
C GLN A 144 -25.84 24.91 -16.07
N HIS A 145 -24.58 24.51 -16.02
CA HIS A 145 -23.48 25.46 -16.08
C HIS A 145 -22.29 24.93 -16.87
N PHE A 146 -21.82 25.72 -17.83
CA PHE A 146 -20.68 25.33 -18.63
C PHE A 146 -19.50 26.19 -18.21
N VAL A 147 -18.49 25.55 -17.63
CA VAL A 147 -17.30 26.26 -17.15
C VAL A 147 -16.06 25.91 -17.94
N VAL A 148 -15.44 26.94 -18.52
CA VAL A 148 -14.23 26.75 -19.30
C VAL A 148 -13.05 26.75 -18.34
N MET A 149 -12.19 25.75 -18.43
CA MET A 149 -11.02 25.69 -17.55
C MET A 149 -9.94 26.60 -18.13
N ASP A 150 -10.12 27.89 -17.90
CA ASP A 150 -9.22 28.93 -18.38
C ASP A 150 -9.50 30.17 -17.57
N GLU A 151 -8.86 31.27 -17.93
CA GLU A 151 -9.05 32.53 -17.22
C GLU A 151 -10.28 33.25 -17.76
N LYS A 152 -10.55 33.08 -19.05
CA LYS A 152 -11.69 33.74 -19.66
C LYS A 152 -12.58 32.76 -20.41
N ALA A 153 -13.82 33.17 -20.64
CA ALA A 153 -14.78 32.34 -21.34
C ALA A 153 -15.69 33.19 -22.21
N PRO A 154 -16.19 32.60 -23.32
CA PRO A 154 -17.08 33.31 -24.25
C PRO A 154 -18.45 33.54 -23.62
N GLU A 155 -19.33 34.18 -24.39
CA GLU A 155 -20.69 34.46 -23.93
C GLU A 155 -21.44 33.16 -23.70
N GLY A 156 -22.22 33.11 -22.63
CA GLY A 156 -22.98 31.91 -22.35
C GLY A 156 -22.17 30.87 -21.58
N TYR A 157 -20.89 31.16 -21.37
CA TYR A 157 -20.02 30.26 -20.64
C TYR A 157 -19.38 30.97 -19.45
N LEU A 158 -19.10 30.19 -18.40
CA LEU A 158 -18.48 30.72 -17.19
C LEU A 158 -17.01 30.33 -17.11
N ALA A 159 -16.17 31.28 -16.72
CA ALA A 159 -14.74 31.02 -16.61
C ALA A 159 -14.41 30.42 -15.27
N TYR A 160 -13.58 29.38 -15.28
CA TYR A 160 -13.16 28.68 -14.09
C TYR A 160 -12.68 29.65 -13.02
N GLU A 161 -11.75 30.53 -13.39
CA GLU A 161 -11.22 31.47 -12.40
C GLU A 161 -12.28 32.37 -11.77
N GLU A 162 -13.33 32.69 -12.53
CA GLU A 162 -14.41 33.52 -12.00
C GLU A 162 -15.41 32.68 -11.20
N ALA A 163 -15.50 31.39 -11.54
CA ALA A 163 -16.41 30.48 -10.85
C ALA A 163 -15.93 30.19 -9.43
N LEU A 164 -14.62 30.29 -9.21
CA LEU A 164 -14.07 30.03 -7.89
C LEU A 164 -14.70 31.00 -6.91
N GLY A 165 -15.09 30.49 -5.74
CA GLY A 165 -15.69 31.34 -4.74
C GLY A 165 -14.90 31.39 -3.45
N GLU A 166 -15.60 31.47 -2.33
CA GLU A 166 -14.96 31.52 -1.03
C GLU A 166 -14.49 30.13 -0.68
N GLU A 167 -13.38 30.04 0.05
CA GLU A 167 -12.86 28.75 0.44
C GLU A 167 -13.91 28.07 1.31
N ALA A 168 -14.15 26.80 1.04
CA ALA A 168 -15.12 26.04 1.80
C ALA A 168 -14.43 24.83 2.42
N ASP A 169 -14.92 24.40 3.57
CA ASP A 169 -14.34 23.23 4.19
C ASP A 169 -14.88 22.03 3.45
N PRO A 170 -14.16 20.90 3.50
CA PRO A 170 -14.66 19.73 2.79
C PRO A 170 -15.88 19.17 3.52
N VAL A 171 -16.65 18.36 2.82
CA VAL A 171 -17.83 17.74 3.39
C VAL A 171 -17.62 16.25 3.21
N ARG A 172 -17.24 15.60 4.31
CA ARG A 172 -16.95 14.17 4.34
C ARG A 172 -18.20 13.29 4.22
N VAL A 173 -18.13 12.29 3.36
CA VAL A 173 -19.23 11.36 3.16
C VAL A 173 -18.77 9.93 3.51
N PRO A 174 -19.71 9.00 3.67
CA PRO A 174 -19.27 7.63 3.99
C PRO A 174 -18.27 7.20 2.90
N GLU A 175 -17.20 6.50 3.28
CA GLU A 175 -16.21 6.09 2.30
C GLU A 175 -16.76 5.26 1.16
N ARG A 176 -17.85 4.54 1.38
CA ARG A 176 -18.42 3.73 0.32
C ARG A 176 -19.26 4.54 -0.66
N ALA A 177 -19.43 5.83 -0.35
CA ALA A 177 -20.19 6.71 -1.21
C ALA A 177 -19.33 7.04 -2.43
N ALA A 178 -19.99 7.34 -3.54
CA ALA A 178 -19.34 7.66 -4.80
C ALA A 178 -18.48 8.92 -4.77
N CYS A 179 -17.35 8.89 -5.47
CA CYS A 179 -16.46 10.05 -5.56
C CYS A 179 -16.24 10.38 -7.03
N GLY A 180 -16.46 9.39 -7.89
CA GLY A 180 -16.29 9.61 -9.31
C GLY A 180 -16.92 8.50 -10.12
N MET A 181 -17.01 8.70 -11.44
CA MET A 181 -17.56 7.68 -12.31
C MET A 181 -17.03 7.83 -13.72
N ALA A 182 -17.06 6.74 -14.48
CA ALA A 182 -16.61 6.76 -15.87
C ALA A 182 -17.33 5.65 -16.64
N TYR A 183 -17.58 5.90 -17.93
CA TYR A 183 -18.27 4.91 -18.76
C TYR A 183 -17.36 4.12 -19.67
N THR A 184 -17.76 2.87 -19.92
CA THR A 184 -17.01 1.99 -20.81
C THR A 184 -17.31 2.44 -22.23
N THR A 185 -16.58 1.89 -23.20
CA THR A 185 -16.76 2.22 -24.61
C THR A 185 -16.12 1.19 -25.56
N GLY A 186 -16.60 1.18 -26.80
CA GLY A 186 -16.08 0.26 -27.81
C GLY A 186 -16.11 -1.22 -27.43
N THR A 187 -16.59 -1.52 -26.23
CA THR A 187 -16.66 -2.90 -25.75
C THR A 187 -18.01 -3.49 -26.12
N THR A 188 -18.93 -3.46 -25.17
CA THR A 188 -20.28 -3.96 -25.35
C THR A 188 -20.89 -3.15 -26.49
N GLY A 189 -20.42 -1.92 -26.61
CA GLY A 189 -20.91 -1.03 -27.63
C GLY A 189 -21.56 0.15 -26.93
N LEU A 190 -22.56 -0.15 -26.10
CA LEU A 190 -23.28 0.87 -25.36
C LEU A 190 -22.49 1.20 -24.09
N PRO A 191 -22.20 2.49 -23.87
CA PRO A 191 -21.45 2.87 -22.68
C PRO A 191 -22.11 2.46 -21.37
N LYS A 192 -21.31 1.83 -20.51
CA LYS A 192 -21.76 1.38 -19.20
C LYS A 192 -21.03 2.21 -18.15
N GLY A 193 -21.78 2.69 -17.16
CA GLY A 193 -21.17 3.50 -16.12
C GLY A 193 -20.67 2.72 -14.93
N VAL A 194 -19.49 3.12 -14.44
CA VAL A 194 -18.88 2.49 -13.27
C VAL A 194 -18.69 3.61 -12.26
N VAL A 195 -19.21 3.43 -11.05
CA VAL A 195 -19.10 4.46 -10.02
C VAL A 195 -18.12 4.07 -8.91
N TYR A 196 -17.07 4.87 -8.77
CA TYR A 196 -16.03 4.63 -7.76
C TYR A 196 -16.32 5.35 -6.47
N SER A 197 -15.82 4.78 -5.37
CA SER A 197 -15.99 5.35 -4.06
C SER A 197 -14.65 5.83 -3.52
N HIS A 198 -14.70 6.65 -2.48
CA HIS A 198 -13.49 7.18 -1.83
C HIS A 198 -12.67 5.99 -1.35
N ARG A 199 -13.34 5.07 -0.67
CA ARG A 199 -12.71 3.86 -0.14
C ARG A 199 -11.90 3.17 -1.23
N ALA A 200 -12.55 2.92 -2.35
CA ALA A 200 -11.92 2.25 -3.47
C ALA A 200 -10.68 2.98 -3.98
N LEU A 201 -10.77 4.30 -4.20
CA LEU A 201 -9.62 5.01 -4.74
C LEU A 201 -8.49 5.22 -3.74
N VAL A 202 -8.85 5.42 -2.48
CA VAL A 202 -7.82 5.58 -1.47
C VAL A 202 -7.07 4.26 -1.35
N LEU A 203 -7.80 3.15 -1.26
CA LEU A 203 -7.16 1.85 -1.13
C LEU A 203 -6.30 1.55 -2.37
N HIS A 204 -6.84 1.77 -3.55
CA HIS A 204 -6.09 1.51 -4.76
C HIS A 204 -4.79 2.33 -4.82
N SER A 205 -4.86 3.60 -4.40
CA SER A 205 -3.69 4.46 -4.40
C SER A 205 -2.60 3.90 -3.49
N LEU A 206 -3.00 3.27 -2.39
CA LEU A 206 -2.02 2.69 -1.49
C LEU A 206 -1.46 1.40 -2.05
N ALA A 207 -2.35 0.47 -2.36
CA ALA A 207 -1.94 -0.84 -2.88
C ALA A 207 -1.05 -0.83 -4.12
N ALA A 208 -1.28 0.12 -5.04
CA ALA A 208 -0.50 0.18 -6.27
C ALA A 208 0.83 0.93 -6.16
N SER A 209 0.99 1.71 -5.10
CA SER A 209 2.19 2.51 -4.93
C SER A 209 3.35 1.88 -4.15
N LEU A 210 3.21 0.61 -3.78
CA LEU A 210 4.28 -0.07 -3.05
C LEU A 210 5.50 -0.25 -3.94
N VAL A 211 6.61 -0.68 -3.33
CA VAL A 211 7.87 -0.89 -4.06
C VAL A 211 7.72 -1.81 -5.27
N ASP A 212 6.95 -2.89 -5.13
CA ASP A 212 6.77 -3.81 -6.24
C ASP A 212 5.74 -3.31 -7.23
N GLY A 213 5.19 -2.12 -6.95
CA GLY A 213 4.23 -1.49 -7.83
C GLY A 213 4.89 -0.27 -8.45
N THR A 214 4.24 0.89 -8.36
CA THR A 214 4.79 2.11 -8.92
C THR A 214 5.91 2.72 -8.07
N ALA A 215 6.02 2.27 -6.83
CA ALA A 215 7.06 2.74 -5.92
C ALA A 215 7.10 4.26 -5.79
N LEU A 216 5.93 4.89 -5.79
CA LEU A 216 5.86 6.33 -5.68
C LEU A 216 6.47 6.83 -4.41
N SER A 217 7.28 7.88 -4.55
CA SER A 217 7.98 8.47 -3.43
C SER A 217 7.95 10.01 -3.52
N GLU A 218 8.09 10.67 -2.38
CA GLU A 218 8.08 12.13 -2.32
C GLU A 218 9.18 12.74 -3.20
N LYS A 219 10.25 11.98 -3.41
CA LYS A 219 11.37 12.47 -4.20
C LYS A 219 11.15 12.33 -5.70
N ASP A 220 10.10 11.61 -6.08
CA ASP A 220 9.80 11.43 -7.49
C ASP A 220 9.26 12.70 -8.16
N VAL A 221 9.33 12.68 -9.49
CA VAL A 221 8.82 13.74 -10.34
C VAL A 221 7.98 12.89 -11.29
N VAL A 222 6.66 12.94 -11.08
CA VAL A 222 5.74 12.12 -11.85
C VAL A 222 5.09 12.80 -13.03
N LEU A 223 5.09 12.13 -14.18
CA LEU A 223 4.47 12.68 -15.37
C LEU A 223 3.42 11.71 -15.91
N PRO A 224 2.14 11.98 -15.64
CA PRO A 224 1.00 11.15 -16.08
C PRO A 224 0.67 11.37 -17.55
N VAL A 225 1.09 10.47 -18.43
CA VAL A 225 0.76 10.62 -19.85
C VAL A 225 -0.65 10.03 -20.04
N VAL A 226 -0.99 9.06 -19.19
CA VAL A 226 -2.31 8.45 -19.23
C VAL A 226 -3.28 9.58 -18.96
N PRO A 227 -4.33 9.73 -19.79
CA PRO A 227 -5.30 10.80 -19.58
C PRO A 227 -6.03 10.69 -18.24
N MET A 228 -6.30 11.83 -17.64
CA MET A 228 -7.01 11.86 -16.38
C MET A 228 -8.50 11.60 -16.59
N PHE A 229 -8.93 11.51 -17.84
CA PHE A 229 -10.34 11.25 -18.12
C PHE A 229 -10.62 9.76 -18.30
N HIS A 230 -9.60 8.94 -18.09
CA HIS A 230 -9.77 7.49 -18.20
C HIS A 230 -9.99 6.95 -16.79
N VAL A 231 -9.20 5.97 -16.39
CA VAL A 231 -9.34 5.41 -15.05
C VAL A 231 -8.56 6.27 -14.07
N ASN A 232 -9.00 7.52 -13.90
CA ASN A 232 -8.37 8.47 -12.98
C ASN A 232 -6.86 8.50 -13.16
N ALA A 233 -6.42 8.33 -14.40
CA ALA A 233 -5.01 8.34 -14.75
C ALA A 233 -4.20 7.39 -13.86
N TRP A 234 -4.68 6.16 -13.72
CA TRP A 234 -4.00 5.16 -12.90
C TRP A 234 -3.93 5.58 -11.43
N CYS A 235 -4.77 6.53 -11.06
CA CYS A 235 -4.80 7.06 -9.70
C CYS A 235 -3.52 7.79 -9.40
N LEU A 236 -2.69 8.00 -10.43
CA LEU A 236 -1.42 8.69 -10.26
C LEU A 236 -1.60 10.09 -9.67
N PRO A 237 -2.58 10.85 -10.18
CA PRO A 237 -2.76 12.19 -9.62
C PRO A 237 -3.03 12.11 -8.12
N TYR A 238 -3.79 11.10 -7.71
CA TYR A 238 -4.11 10.91 -6.30
C TYR A 238 -2.91 10.39 -5.53
N ALA A 239 -2.31 9.30 -6.03
CA ALA A 239 -1.17 8.69 -5.38
C ALA A 239 0.02 9.64 -5.28
N ALA A 240 0.29 10.37 -6.36
CA ALA A 240 1.39 11.33 -6.38
C ALA A 240 1.20 12.38 -5.30
N THR A 241 -0.05 12.80 -5.11
CA THR A 241 -0.39 13.79 -4.09
C THR A 241 -0.14 13.19 -2.70
N LEU A 242 -0.56 11.93 -2.53
CA LEU A 242 -0.40 11.23 -1.26
C LEU A 242 1.05 11.22 -0.78
N VAL A 243 1.99 10.89 -1.65
CA VAL A 243 3.40 10.83 -1.26
C VAL A 243 4.12 12.17 -1.35
N GLY A 244 3.48 13.18 -1.92
CA GLY A 244 4.10 14.49 -2.03
C GLY A 244 5.03 14.64 -3.21
N ALA A 245 4.87 13.79 -4.21
CA ALA A 245 5.71 13.85 -5.39
C ALA A 245 5.40 15.07 -6.25
N LYS A 246 6.41 15.54 -6.99
CA LYS A 246 6.21 16.65 -7.88
C LYS A 246 5.46 16.06 -9.08
N GLN A 247 4.51 16.82 -9.62
CA GLN A 247 3.74 16.35 -10.76
C GLN A 247 3.95 17.25 -11.97
N VAL A 248 4.06 16.62 -13.13
CA VAL A 248 4.23 17.32 -14.40
C VAL A 248 3.07 16.87 -15.29
N LEU A 249 2.09 17.73 -15.47
CA LEU A 249 0.90 17.45 -16.29
C LEU A 249 1.13 18.00 -17.69
N PRO A 250 1.29 17.10 -18.67
CA PRO A 250 1.55 17.39 -20.08
C PRO A 250 0.49 18.07 -20.94
N GLY A 251 -0.76 18.11 -20.50
CA GLY A 251 -1.77 18.72 -21.33
C GLY A 251 -2.00 17.82 -22.54
N PRO A 252 -2.64 18.32 -23.61
CA PRO A 252 -2.93 17.53 -24.82
C PRO A 252 -1.77 17.20 -25.77
N ARG A 253 -0.70 18.00 -25.74
CA ARG A 253 0.44 17.77 -26.61
C ARG A 253 1.29 16.59 -26.17
N LEU A 254 0.98 15.40 -26.68
CA LEU A 254 1.72 14.20 -26.33
C LEU A 254 2.74 13.76 -27.37
N ASP A 255 3.15 14.68 -28.24
CA ASP A 255 4.14 14.34 -29.26
C ASP A 255 5.51 14.19 -28.56
N PRO A 256 6.38 13.32 -29.08
CA PRO A 256 7.70 13.06 -28.51
C PRO A 256 8.50 14.29 -28.07
N ALA A 257 8.71 15.23 -29.00
CA ALA A 257 9.46 16.44 -28.69
C ALA A 257 8.92 17.15 -27.44
N SER A 258 7.60 17.33 -27.39
CA SER A 258 6.97 17.99 -26.26
C SER A 258 7.22 17.25 -24.94
N LEU A 259 7.13 15.93 -24.98
CA LEU A 259 7.36 15.14 -23.77
C LEU A 259 8.83 15.16 -23.34
N VAL A 260 9.74 14.99 -24.30
CA VAL A 260 11.17 15.02 -23.98
C VAL A 260 11.51 16.32 -23.26
N GLU A 261 10.90 17.40 -23.75
CA GLU A 261 11.12 18.73 -23.18
C GLU A 261 10.73 18.75 -21.70
N LEU A 262 9.60 18.14 -21.38
CA LEU A 262 9.13 18.08 -20.00
C LEU A 262 9.97 17.10 -19.18
N PHE A 263 10.26 15.93 -19.76
CA PHE A 263 11.06 14.90 -19.11
C PHE A 263 12.39 15.48 -18.62
N ASP A 264 13.17 16.03 -19.54
CA ASP A 264 14.47 16.60 -19.19
C ASP A 264 14.34 17.92 -18.42
N GLY A 265 13.51 18.82 -18.91
CA GLY A 265 13.37 20.10 -18.24
C GLY A 265 12.93 20.06 -16.79
N GLU A 266 12.05 19.13 -16.44
CA GLU A 266 11.55 19.03 -15.08
C GLU A 266 12.17 17.91 -14.25
N GLY A 267 12.94 17.03 -14.91
CA GLY A 267 13.59 15.95 -14.20
C GLY A 267 12.66 14.82 -13.81
N VAL A 268 11.76 14.47 -14.71
CA VAL A 268 10.80 13.40 -14.46
C VAL A 268 11.52 12.10 -14.17
N THR A 269 11.09 11.40 -13.12
CA THR A 269 11.69 10.12 -12.76
C THR A 269 10.73 8.96 -13.03
N PHE A 270 9.44 9.24 -13.04
CA PHE A 270 8.42 8.22 -13.27
C PHE A 270 7.32 8.69 -14.22
N THR A 271 6.83 7.78 -15.05
CA THR A 271 5.79 8.13 -15.98
C THR A 271 4.95 6.91 -16.35
N ALA A 272 3.73 7.15 -16.79
CA ALA A 272 2.81 6.08 -17.18
C ALA A 272 2.03 6.53 -18.40
N GLY A 273 1.85 5.62 -19.35
CA GLY A 273 1.11 5.96 -20.56
C GLY A 273 0.73 4.75 -21.40
N VAL A 274 0.16 4.99 -22.57
CA VAL A 274 -0.24 3.90 -23.47
C VAL A 274 0.83 3.60 -24.52
N PRO A 275 0.85 2.36 -25.04
CA PRO A 275 1.81 1.90 -26.04
C PRO A 275 2.08 2.84 -27.23
N THR A 276 1.03 3.42 -27.80
CA THR A 276 1.20 4.30 -28.95
C THR A 276 2.07 5.52 -28.65
N VAL A 277 1.85 6.14 -27.49
CA VAL A 277 2.65 7.31 -27.12
C VAL A 277 4.09 6.87 -26.88
N TRP A 278 4.26 5.72 -26.25
CA TRP A 278 5.58 5.20 -25.95
C TRP A 278 6.33 4.77 -27.21
N LEU A 279 5.60 4.25 -28.19
CA LEU A 279 6.24 3.82 -29.44
C LEU A 279 6.78 5.04 -30.17
N ALA A 280 5.98 6.10 -30.23
CA ALA A 280 6.40 7.33 -30.88
C ALA A 280 7.59 7.91 -30.14
N LEU A 281 7.59 7.82 -28.81
CA LEU A 281 8.68 8.33 -28.01
C LEU A 281 9.95 7.54 -28.31
N ALA A 282 9.83 6.21 -28.33
CA ALA A 282 10.98 5.35 -28.61
C ALA A 282 11.59 5.65 -29.98
N ASP A 283 10.74 5.79 -30.99
CA ASP A 283 11.23 6.10 -32.34
C ASP A 283 12.02 7.40 -32.37
N TYR A 284 11.51 8.40 -31.66
CA TYR A 284 12.13 9.71 -31.60
C TYR A 284 13.48 9.68 -30.90
N LEU A 285 13.52 9.04 -29.73
CA LEU A 285 14.75 8.96 -28.96
C LEU A 285 15.83 8.21 -29.72
N GLU A 286 15.46 7.11 -30.37
CA GLU A 286 16.41 6.30 -31.11
C GLU A 286 16.98 6.97 -32.35
N SER A 287 16.12 7.66 -33.11
CA SER A 287 16.58 8.34 -34.32
C SER A 287 17.38 9.60 -34.02
N THR A 288 17.09 10.26 -32.91
CA THR A 288 17.83 11.47 -32.55
C THR A 288 19.05 11.10 -31.71
N GLY A 289 19.06 9.88 -31.19
CA GLY A 289 20.17 9.45 -30.38
C GLY A 289 20.18 10.15 -29.03
N HIS A 290 19.05 10.77 -28.69
CA HIS A 290 18.94 11.47 -27.43
C HIS A 290 18.49 10.52 -26.33
N ARG A 291 18.97 10.76 -25.11
CA ARG A 291 18.61 9.93 -23.95
C ARG A 291 18.05 10.77 -22.82
N LEU A 292 17.08 10.22 -22.10
CA LEU A 292 16.46 10.92 -20.99
C LEU A 292 17.28 10.72 -19.72
N LYS A 293 17.96 11.79 -19.30
CA LYS A 293 18.82 11.74 -18.11
C LYS A 293 18.18 11.27 -16.80
N THR A 294 17.02 11.82 -16.44
CA THR A 294 16.40 11.44 -15.18
C THR A 294 15.36 10.32 -15.15
N LEU A 295 14.71 10.04 -16.27
CA LEU A 295 13.68 8.99 -16.30
C LEU A 295 14.20 7.61 -15.91
N ARG A 296 13.60 7.02 -14.89
CA ARG A 296 14.04 5.72 -14.41
C ARG A 296 12.96 4.64 -14.47
N ARG A 297 11.70 5.03 -14.34
CA ARG A 297 10.62 4.06 -14.36
C ARG A 297 9.53 4.48 -15.33
N LEU A 298 9.08 3.51 -16.12
CA LEU A 298 8.04 3.75 -17.10
C LEU A 298 6.99 2.64 -17.00
N VAL A 299 5.74 3.04 -16.84
CA VAL A 299 4.67 2.08 -16.77
C VAL A 299 3.87 2.16 -18.06
N VAL A 300 3.45 1.02 -18.57
CA VAL A 300 2.65 1.02 -19.78
C VAL A 300 1.37 0.25 -19.52
N GLY A 301 0.25 0.87 -19.82
CA GLY A 301 -1.04 0.23 -19.61
C GLY A 301 -1.85 0.21 -20.89
N GLY A 302 -3.06 -0.35 -20.81
CA GLY A 302 -3.90 -0.42 -21.99
C GLY A 302 -3.49 -1.60 -22.87
N SER A 303 -3.24 -1.33 -24.14
CA SER A 303 -2.82 -2.40 -25.03
C SER A 303 -1.65 -3.12 -24.38
N ALA A 304 -1.58 -4.43 -24.53
CA ALA A 304 -0.47 -5.17 -23.97
C ALA A 304 0.75 -4.63 -24.69
N ALA A 305 1.76 -4.24 -23.93
CA ALA A 305 2.98 -3.70 -24.52
C ALA A 305 3.76 -4.83 -25.18
N PRO A 306 4.19 -4.61 -26.42
CA PRO A 306 4.96 -5.64 -27.13
C PRO A 306 6.35 -5.81 -26.52
N ARG A 307 6.88 -7.01 -26.69
CA ARG A 307 8.20 -7.40 -26.19
C ARG A 307 9.28 -6.37 -26.58
N SER A 308 9.29 -5.95 -27.84
CA SER A 308 10.29 -5.01 -28.32
C SER A 308 10.22 -3.63 -27.67
N LEU A 309 9.01 -3.19 -27.33
CA LEU A 309 8.84 -1.89 -26.68
C LEU A 309 9.54 -1.88 -25.32
N ILE A 310 9.36 -2.95 -24.57
CA ILE A 310 9.99 -3.07 -23.27
C ILE A 310 11.50 -3.10 -23.44
N ALA A 311 11.97 -3.87 -24.42
CA ALA A 311 13.40 -3.99 -24.68
C ALA A 311 14.02 -2.66 -25.11
N ARG A 312 13.35 -1.94 -25.99
CA ARG A 312 13.89 -0.68 -26.47
C ARG A 312 14.11 0.33 -25.36
N PHE A 313 13.16 0.42 -24.43
CA PHE A 313 13.30 1.35 -23.32
C PHE A 313 14.28 0.83 -22.27
N GLU A 314 14.28 -0.49 -22.06
CA GLU A 314 15.19 -1.09 -21.08
C GLU A 314 16.63 -0.89 -21.56
N ARG A 315 16.82 -0.93 -22.88
CA ARG A 315 18.16 -0.74 -23.47
C ARG A 315 18.64 0.69 -23.24
N MET A 316 17.72 1.58 -22.87
CA MET A 316 18.06 2.96 -22.60
C MET A 316 18.08 3.26 -21.10
N GLY A 317 18.22 2.22 -20.28
CA GLY A 317 18.27 2.40 -18.84
C GLY A 317 16.95 2.61 -18.12
N VAL A 318 15.84 2.58 -18.87
CA VAL A 318 14.52 2.79 -18.27
C VAL A 318 13.84 1.47 -17.91
N GLU A 319 13.53 1.28 -16.63
CA GLU A 319 12.84 0.07 -16.20
C GLU A 319 11.37 0.13 -16.65
N VAL A 320 10.92 -0.89 -17.35
CA VAL A 320 9.54 -0.90 -17.83
C VAL A 320 8.69 -1.88 -17.04
N ARG A 321 7.49 -1.44 -16.66
CA ARG A 321 6.57 -2.28 -15.91
C ARG A 321 5.16 -2.21 -16.48
N GLN A 322 4.64 -3.35 -16.89
CA GLN A 322 3.30 -3.40 -17.46
C GLN A 322 2.24 -3.34 -16.37
N GLY A 323 1.03 -2.99 -16.78
CA GLY A 323 -0.07 -2.89 -15.83
C GLY A 323 -1.34 -3.18 -16.59
N TYR A 324 -2.29 -3.81 -15.92
CA TYR A 324 -3.57 -4.15 -16.52
C TYR A 324 -4.71 -3.78 -15.59
N GLY A 325 -5.77 -3.27 -16.20
CA GLY A 325 -6.96 -2.87 -15.48
C GLY A 325 -8.00 -2.50 -16.51
N LEU A 326 -9.26 -2.35 -16.09
CA LEU A 326 -10.32 -1.97 -17.01
C LEU A 326 -10.92 -0.63 -16.64
N THR A 327 -11.44 0.09 -17.63
CA THR A 327 -12.09 1.38 -17.36
C THR A 327 -13.29 1.01 -16.51
N GLU A 328 -13.65 -0.27 -16.59
CA GLU A 328 -14.76 -0.80 -15.85
C GLU A 328 -14.35 -0.87 -14.39
N THR A 329 -14.66 -2.01 -13.78
CA THR A 329 -14.36 -2.29 -12.39
C THR A 329 -13.15 -1.58 -11.80
N SER A 330 -12.00 -2.16 -12.12
CA SER A 330 -10.73 -1.72 -11.59
C SER A 330 -9.77 -0.96 -12.46
N PRO A 331 -9.21 0.12 -11.92
CA PRO A 331 -8.25 0.89 -12.70
C PRO A 331 -7.02 -0.01 -12.96
N VAL A 332 -6.45 -0.55 -11.89
CA VAL A 332 -5.27 -1.42 -11.99
C VAL A 332 -5.37 -2.59 -11.03
N VAL A 333 -5.31 -3.81 -11.56
CA VAL A 333 -5.40 -4.99 -10.72
C VAL A 333 -4.23 -5.91 -10.88
N VAL A 334 -3.45 -5.72 -11.93
CA VAL A 334 -2.27 -6.54 -12.15
C VAL A 334 -1.10 -5.65 -12.57
N GLN A 335 0.04 -5.85 -11.94
CA GLN A 335 1.24 -5.08 -12.24
C GLN A 335 2.39 -6.05 -12.41
N ASN A 336 3.28 -5.75 -13.33
CA ASN A 336 4.39 -6.66 -13.56
C ASN A 336 5.69 -6.25 -12.88
N PHE A 337 6.35 -7.23 -12.28
CA PHE A 337 7.66 -7.03 -11.69
C PHE A 337 8.29 -8.43 -11.65
N VAL A 338 9.62 -8.46 -11.66
CA VAL A 338 10.35 -9.71 -11.66
C VAL A 338 10.59 -10.21 -10.26
N LYS A 339 10.13 -11.42 -9.97
CA LYS A 339 10.32 -12.02 -8.65
C LYS A 339 11.81 -12.08 -8.37
N SER A 340 12.16 -12.03 -7.10
CA SER A 340 13.54 -12.09 -6.68
C SER A 340 14.30 -13.29 -7.23
N HIS A 341 13.73 -14.49 -7.10
CA HIS A 341 14.38 -15.70 -7.57
C HIS A 341 14.32 -15.89 -9.08
N LEU A 342 13.70 -14.97 -9.80
CA LEU A 342 13.60 -15.08 -11.25
C LEU A 342 14.54 -14.07 -11.88
N GLU A 343 15.32 -13.39 -11.06
CA GLU A 343 16.30 -12.41 -11.53
C GLU A 343 17.44 -13.11 -12.25
N SER A 344 17.58 -14.40 -12.02
CA SER A 344 18.65 -15.20 -12.61
C SER A 344 18.35 -15.64 -14.04
N LEU A 345 17.13 -15.41 -14.49
CA LEU A 345 16.73 -15.80 -15.85
C LEU A 345 17.60 -15.09 -16.88
N SER A 346 17.65 -15.64 -18.10
CA SER A 346 18.41 -15.03 -19.18
C SER A 346 17.68 -13.78 -19.69
N GLU A 347 18.40 -12.89 -20.37
CA GLU A 347 17.78 -11.66 -20.88
C GLU A 347 16.51 -11.95 -21.66
N GLU A 348 16.56 -12.98 -22.49
CA GLU A 348 15.41 -13.38 -23.31
C GLU A 348 14.24 -13.88 -22.48
N GLU A 349 14.52 -14.75 -21.51
CA GLU A 349 13.47 -15.27 -20.66
C GLU A 349 12.88 -14.19 -19.75
N LYS A 350 13.74 -13.35 -19.21
CA LYS A 350 13.29 -12.28 -18.32
C LYS A 350 12.45 -11.29 -19.13
N LEU A 351 12.83 -11.11 -20.39
CA LEU A 351 12.10 -10.21 -21.27
C LEU A 351 10.70 -10.77 -21.49
N THR A 352 10.62 -12.07 -21.70
CA THR A 352 9.35 -12.74 -21.92
C THR A 352 8.50 -12.60 -20.66
N LEU A 353 9.16 -12.63 -19.50
CA LEU A 353 8.48 -12.49 -18.22
C LEU A 353 7.91 -11.07 -18.13
N LYS A 354 8.76 -10.06 -18.33
CA LYS A 354 8.31 -8.67 -18.27
C LYS A 354 7.20 -8.43 -19.29
N ALA A 355 7.22 -9.18 -20.39
CA ALA A 355 6.20 -9.02 -21.43
C ALA A 355 4.85 -9.56 -21.00
N LYS A 356 4.81 -10.31 -19.89
CA LYS A 356 3.55 -10.83 -19.39
C LYS A 356 2.83 -9.73 -18.65
N THR A 357 1.50 -9.80 -18.62
CA THR A 357 0.68 -8.81 -17.95
C THR A 357 1.17 -8.51 -16.53
N GLY A 358 1.43 -9.56 -15.75
CA GLY A 358 1.92 -9.36 -14.39
C GLY A 358 1.31 -10.21 -13.28
N LEU A 359 1.51 -9.76 -12.04
CA LEU A 359 0.97 -10.45 -10.88
C LEU A 359 -0.15 -9.63 -10.26
N PRO A 360 -1.14 -10.28 -9.65
CA PRO A 360 -2.26 -9.58 -9.01
C PRO A 360 -1.68 -8.68 -7.91
N ILE A 361 -2.16 -7.46 -7.79
CA ILE A 361 -1.61 -6.58 -6.76
C ILE A 361 -2.31 -6.76 -5.42
N PRO A 362 -1.74 -6.17 -4.36
CA PRO A 362 -2.37 -6.31 -3.04
C PRO A 362 -3.85 -5.92 -3.03
N LEU A 363 -4.62 -6.61 -2.20
CA LEU A 363 -6.04 -6.37 -2.03
C LEU A 363 -6.89 -6.87 -3.19
N VAL A 364 -6.26 -7.59 -4.12
CA VAL A 364 -6.98 -8.13 -5.25
C VAL A 364 -6.97 -9.64 -5.26
N ARG A 365 -8.14 -10.23 -5.40
CA ARG A 365 -8.25 -11.68 -5.49
C ARG A 365 -8.58 -11.95 -6.95
N LEU A 366 -7.72 -12.72 -7.61
CA LEU A 366 -7.86 -13.03 -9.03
C LEU A 366 -7.73 -14.51 -9.36
N ARG A 367 -8.44 -14.94 -10.40
CA ARG A 367 -8.39 -16.32 -10.84
C ARG A 367 -8.74 -16.33 -12.31
N VAL A 368 -8.28 -17.36 -13.00
CA VAL A 368 -8.58 -17.52 -14.42
C VAL A 368 -9.46 -18.78 -14.43
N ALA A 369 -10.75 -18.60 -14.70
CA ALA A 369 -11.67 -19.72 -14.67
C ALA A 369 -12.50 -19.94 -15.93
N ASP A 370 -13.24 -21.05 -15.92
CA ASP A 370 -14.10 -21.44 -17.04
C ASP A 370 -15.51 -20.89 -16.82
N GLU A 371 -16.45 -21.31 -17.67
CA GLU A 371 -17.82 -20.85 -17.55
C GLU A 371 -18.48 -21.31 -16.26
N GLU A 372 -17.81 -22.20 -15.53
CA GLU A 372 -18.36 -22.69 -14.28
C GLU A 372 -17.78 -21.93 -13.10
N GLY A 373 -16.77 -21.11 -13.38
CA GLY A 373 -16.12 -20.36 -12.32
C GLY A 373 -15.06 -21.20 -11.64
N ARG A 374 -14.66 -22.27 -12.32
CA ARG A 374 -13.64 -23.17 -11.79
C ARG A 374 -12.28 -22.78 -12.36
N PRO A 375 -11.26 -22.71 -11.49
CA PRO A 375 -9.90 -22.33 -11.91
C PRO A 375 -9.38 -23.27 -12.99
N VAL A 376 -8.72 -22.72 -14.00
CA VAL A 376 -8.16 -23.54 -15.05
C VAL A 376 -6.71 -23.84 -14.64
N PRO A 377 -6.09 -24.86 -15.25
CA PRO A 377 -4.70 -25.24 -14.96
C PRO A 377 -3.71 -24.08 -15.07
N LYS A 378 -2.78 -24.00 -14.14
CA LYS A 378 -1.77 -22.94 -14.14
C LYS A 378 -0.55 -23.39 -14.93
N ASP A 379 -0.77 -23.77 -16.19
CA ASP A 379 0.28 -24.26 -17.06
C ASP A 379 0.70 -23.24 -18.11
N GLY A 380 0.07 -22.07 -18.09
CA GLY A 380 0.40 -21.05 -19.06
C GLY A 380 -0.12 -21.40 -20.44
N LYS A 381 -1.06 -22.33 -20.51
CA LYS A 381 -1.63 -22.75 -21.78
C LYS A 381 -3.16 -22.77 -21.74
N ALA A 382 -3.72 -23.35 -20.69
CA ALA A 382 -5.17 -23.43 -20.53
C ALA A 382 -5.79 -22.03 -20.52
N LEU A 383 -6.82 -21.83 -21.34
CA LEU A 383 -7.48 -20.54 -21.42
C LEU A 383 -8.65 -20.43 -20.48
N GLY A 384 -8.81 -19.26 -19.89
CA GLY A 384 -9.90 -19.01 -18.96
C GLY A 384 -10.17 -17.52 -18.85
N GLU A 385 -11.26 -17.17 -18.19
CA GLU A 385 -11.61 -15.77 -18.04
C GLU A 385 -11.07 -15.21 -16.72
N VAL A 386 -10.53 -14.00 -16.80
CA VAL A 386 -10.01 -13.32 -15.61
C VAL A 386 -11.23 -12.87 -14.81
N GLN A 387 -11.31 -13.31 -13.55
CA GLN A 387 -12.43 -12.94 -12.69
C GLN A 387 -11.82 -12.29 -11.43
N LEU A 388 -12.46 -11.24 -10.94
CA LEU A 388 -11.90 -10.50 -9.81
C LEU A 388 -12.81 -10.16 -8.64
N LYS A 389 -12.16 -9.89 -7.51
CA LYS A 389 -12.82 -9.48 -6.27
C LYS A 389 -11.90 -8.48 -5.57
N GLY A 390 -12.46 -7.43 -5.02
CA GLY A 390 -11.64 -6.45 -4.33
C GLY A 390 -12.33 -5.13 -4.10
N PRO A 391 -11.76 -4.25 -3.27
CA PRO A 391 -12.27 -2.93 -2.90
C PRO A 391 -12.57 -1.97 -4.05
N TRP A 392 -11.85 -2.10 -5.16
CA TRP A 392 -12.10 -1.20 -6.28
C TRP A 392 -12.58 -1.92 -7.54
N ILE A 393 -13.14 -3.11 -7.36
CA ILE A 393 -13.68 -3.91 -8.46
C ILE A 393 -15.18 -3.65 -8.42
N THR A 394 -15.76 -3.25 -9.56
CA THR A 394 -17.20 -2.98 -9.60
C THR A 394 -18.01 -4.26 -9.47
N GLY A 395 -19.23 -4.14 -8.96
CA GLY A 395 -20.08 -5.31 -8.81
C GLY A 395 -21.26 -5.23 -9.76
N GLY A 396 -21.27 -4.16 -10.55
CA GLY A 396 -22.35 -3.96 -11.50
C GLY A 396 -22.18 -2.66 -12.25
N TYR A 397 -23.28 -2.06 -12.69
CA TYR A 397 -23.24 -0.81 -13.43
C TYR A 397 -24.33 0.14 -12.98
N TYR A 398 -24.16 1.42 -13.33
CA TYR A 398 -25.14 2.42 -12.98
C TYR A 398 -26.27 2.45 -14.01
N GLY A 399 -27.51 2.37 -13.52
CA GLY A 399 -28.68 2.42 -14.39
C GLY A 399 -28.65 1.48 -15.59
N ASN A 400 -28.56 0.18 -15.31
CA ASN A 400 -28.52 -0.82 -16.37
C ASN A 400 -28.66 -2.23 -15.80
N GLU A 401 -29.89 -2.58 -15.44
CA GLU A 401 -30.21 -3.89 -14.86
C GLU A 401 -29.57 -5.07 -15.59
N GLU A 402 -29.77 -5.14 -16.90
CA GLU A 402 -29.23 -6.24 -17.70
C GLU A 402 -27.72 -6.45 -17.58
N ALA A 403 -26.96 -5.36 -17.67
CA ALA A 403 -25.51 -5.45 -17.57
C ALA A 403 -25.09 -5.83 -16.15
N THR A 404 -25.81 -5.31 -15.17
CA THR A 404 -25.53 -5.56 -13.76
C THR A 404 -25.84 -7.00 -13.32
N ARG A 405 -27.03 -7.48 -13.67
CA ARG A 405 -27.46 -8.83 -13.29
C ARG A 405 -26.50 -9.93 -13.73
N SER A 406 -25.83 -9.72 -14.86
CA SER A 406 -24.91 -10.72 -15.38
C SER A 406 -23.43 -10.32 -15.27
N ALA A 407 -23.12 -9.49 -14.29
CA ALA A 407 -21.75 -9.03 -14.10
C ALA A 407 -20.92 -9.97 -13.22
N LEU A 408 -21.56 -10.54 -12.21
CA LEU A 408 -20.87 -11.42 -11.27
C LEU A 408 -21.14 -12.90 -11.47
N THR A 409 -20.26 -13.72 -10.93
CA THR A 409 -20.42 -15.17 -10.99
C THR A 409 -21.21 -15.52 -9.74
N PRO A 410 -21.83 -16.72 -9.71
CA PRO A 410 -22.60 -17.11 -8.53
C PRO A 410 -21.87 -16.86 -7.21
N ASP A 411 -20.55 -17.02 -7.23
CA ASP A 411 -19.76 -16.82 -6.01
C ASP A 411 -19.26 -15.39 -5.78
N GLY A 412 -19.74 -14.45 -6.60
CA GLY A 412 -19.37 -13.05 -6.41
C GLY A 412 -18.19 -12.41 -7.11
N PHE A 413 -17.58 -13.10 -8.06
CA PHE A 413 -16.45 -12.55 -8.79
C PHE A 413 -16.91 -11.75 -10.00
N PHE A 414 -16.20 -10.68 -10.31
CA PHE A 414 -16.54 -9.86 -11.47
C PHE A 414 -15.97 -10.50 -12.73
N ARG A 415 -16.78 -10.58 -13.78
CA ARG A 415 -16.32 -11.17 -15.02
C ARG A 415 -15.77 -10.08 -15.94
N THR A 416 -14.45 -10.09 -16.12
CA THR A 416 -13.78 -9.09 -16.96
C THR A 416 -14.05 -9.21 -18.44
N GLY A 417 -14.25 -10.43 -18.91
CA GLY A 417 -14.48 -10.61 -20.32
C GLY A 417 -13.14 -10.77 -21.00
N ASP A 418 -12.07 -10.73 -20.21
CA ASP A 418 -10.72 -10.90 -20.74
C ASP A 418 -10.28 -12.35 -20.60
N ILE A 419 -9.67 -12.88 -21.65
CA ILE A 419 -9.20 -14.26 -21.62
C ILE A 419 -7.71 -14.24 -21.37
N ALA A 420 -7.22 -15.26 -20.67
CA ALA A 420 -5.80 -15.32 -20.35
C ALA A 420 -5.37 -16.67 -19.81
N VAL A 421 -4.07 -16.76 -19.54
CA VAL A 421 -3.48 -17.97 -18.99
C VAL A 421 -2.65 -17.53 -17.78
N TRP A 422 -2.39 -18.43 -16.86
CA TRP A 422 -1.58 -18.09 -15.70
C TRP A 422 -0.68 -19.27 -15.35
N ASP A 423 0.49 -18.97 -14.78
CA ASP A 423 1.44 -20.02 -14.42
C ASP A 423 1.54 -20.25 -12.92
N GLU A 424 2.41 -21.17 -12.53
CA GLU A 424 2.61 -21.52 -11.12
C GLU A 424 3.23 -20.39 -10.30
N GLU A 425 3.91 -19.48 -10.98
CA GLU A 425 4.55 -18.35 -10.32
C GLU A 425 3.53 -17.25 -9.99
N GLY A 426 2.30 -17.42 -10.49
CA GLY A 426 1.26 -16.45 -10.24
C GLY A 426 1.06 -15.45 -11.36
N TYR A 427 1.96 -15.46 -12.34
CA TYR A 427 1.88 -14.53 -13.46
C TYR A 427 0.65 -14.76 -14.34
N VAL A 428 0.01 -13.66 -14.71
CA VAL A 428 -1.16 -13.69 -15.56
C VAL A 428 -0.75 -13.12 -16.91
N GLU A 429 -1.31 -13.69 -17.97
CA GLU A 429 -1.00 -13.27 -19.32
C GLU A 429 -2.28 -13.09 -20.13
N ILE A 430 -2.74 -11.85 -20.25
CA ILE A 430 -3.95 -11.60 -21.03
C ILE A 430 -3.66 -11.93 -22.49
N LYS A 431 -4.58 -12.62 -23.14
CA LYS A 431 -4.42 -12.99 -24.54
C LYS A 431 -5.27 -12.06 -25.39
N ASP A 432 -4.73 -11.60 -26.51
CA ASP A 432 -5.46 -10.73 -27.41
C ASP A 432 -6.63 -11.54 -27.95
N ARG A 433 -7.84 -11.25 -27.45
CA ARG A 433 -9.03 -12.00 -27.86
C ARG A 433 -9.40 -11.81 -29.33
N LEU A 434 -8.69 -10.93 -30.01
CA LEU A 434 -8.95 -10.66 -31.43
C LEU A 434 -7.82 -11.14 -32.32
N LYS A 435 -6.69 -10.47 -32.26
CA LYS A 435 -5.55 -10.82 -33.10
C LYS A 435 -4.95 -12.20 -32.86
N ASP A 436 -5.40 -12.91 -31.83
CA ASP A 436 -4.84 -14.23 -31.56
C ASP A 436 -5.87 -15.29 -31.19
N LEU A 437 -6.86 -14.94 -30.39
CA LEU A 437 -7.86 -15.91 -29.98
C LEU A 437 -8.94 -16.23 -31.01
N ILE A 438 -9.32 -17.51 -31.00
CA ILE A 438 -10.34 -18.05 -31.88
C ILE A 438 -11.49 -18.49 -30.97
N LYS A 439 -12.63 -17.84 -31.09
CA LYS A 439 -13.80 -18.16 -30.28
C LYS A 439 -14.61 -19.26 -30.94
N SER A 440 -14.36 -20.51 -30.54
CA SER A 440 -15.05 -21.66 -31.10
C SER A 440 -16.09 -22.26 -30.16
N GLY A 441 -17.35 -21.89 -30.37
CA GLY A 441 -18.42 -22.41 -29.53
C GLY A 441 -18.23 -22.22 -28.04
N GLY A 442 -18.24 -20.97 -27.58
CA GLY A 442 -18.08 -20.68 -26.17
C GLY A 442 -16.74 -21.14 -25.60
N GLU A 443 -15.83 -21.54 -26.47
CA GLU A 443 -14.50 -21.99 -26.05
C GLU A 443 -13.47 -21.12 -26.74
N TRP A 444 -12.25 -21.12 -26.20
CA TRP A 444 -11.20 -20.31 -26.80
C TRP A 444 -10.00 -21.13 -27.24
N ILE A 445 -9.37 -20.68 -28.32
CA ILE A 445 -8.20 -21.34 -28.88
C ILE A 445 -7.20 -20.28 -29.30
N SER A 446 -5.94 -20.47 -28.94
CA SER A 446 -4.90 -19.52 -29.31
C SER A 446 -4.31 -19.89 -30.66
N SER A 447 -4.38 -18.96 -31.61
CA SER A 447 -3.83 -19.24 -32.93
C SER A 447 -2.31 -19.21 -32.84
N VAL A 448 -1.79 -18.32 -31.99
CA VAL A 448 -0.35 -18.18 -31.80
C VAL A 448 0.28 -19.48 -31.31
N ASP A 449 -0.37 -20.14 -30.34
CA ASP A 449 0.17 -21.39 -29.82
C ASP A 449 0.22 -22.44 -30.92
N LEU A 450 -0.88 -22.58 -31.65
CA LEU A 450 -0.99 -23.55 -32.73
C LEU A 450 0.08 -23.34 -33.82
N GLU A 451 0.22 -22.10 -34.28
CA GLU A 451 1.19 -21.81 -35.33
C GLU A 451 2.63 -21.96 -34.87
N ASN A 452 2.92 -21.61 -33.62
CA ASN A 452 4.28 -21.74 -33.12
C ASN A 452 4.64 -23.22 -33.09
N ALA A 453 3.67 -24.06 -32.73
CA ALA A 453 3.91 -25.50 -32.67
C ALA A 453 4.12 -26.03 -34.09
N LEU A 454 3.25 -25.61 -35.00
CA LEU A 454 3.33 -26.07 -36.39
C LEU A 454 4.67 -25.72 -37.03
N MET A 455 5.14 -24.49 -36.81
CA MET A 455 6.41 -24.06 -37.37
C MET A 455 7.58 -24.85 -36.80
N GLY A 456 7.27 -25.77 -35.89
CA GLY A 456 8.29 -26.61 -35.30
C GLY A 456 8.53 -27.82 -36.17
N HIS A 457 7.48 -28.23 -36.90
CA HIS A 457 7.56 -29.39 -37.78
C HIS A 457 8.56 -29.07 -38.88
N PRO A 458 9.42 -30.04 -39.22
CA PRO A 458 10.44 -29.88 -40.28
C PRO A 458 9.92 -29.49 -41.67
N LYS A 459 8.77 -30.04 -42.06
CA LYS A 459 8.20 -29.74 -43.36
C LYS A 459 7.53 -28.37 -43.46
N VAL A 460 7.43 -27.67 -42.33
CA VAL A 460 6.80 -26.35 -42.33
C VAL A 460 7.84 -25.24 -42.21
N LYS A 461 7.82 -24.32 -43.17
CA LYS A 461 8.76 -23.20 -43.17
C LYS A 461 8.13 -22.04 -42.41
N GLU A 462 6.84 -21.82 -42.66
CA GLU A 462 6.09 -20.76 -42.00
C GLU A 462 4.63 -21.15 -41.92
N ALA A 463 3.99 -20.86 -40.79
CA ALA A 463 2.59 -21.19 -40.60
C ALA A 463 1.86 -20.04 -39.90
N ALA A 464 0.69 -19.72 -40.40
CA ALA A 464 -0.12 -18.65 -39.84
C ALA A 464 -1.53 -19.17 -39.61
N VAL A 465 -1.92 -19.32 -38.34
CA VAL A 465 -3.25 -19.79 -38.00
C VAL A 465 -4.17 -18.60 -37.74
N VAL A 466 -5.38 -18.65 -38.30
CA VAL A 466 -6.33 -17.57 -38.12
C VAL A 466 -7.73 -18.11 -37.88
N ALA A 467 -8.59 -17.23 -37.39
CA ALA A 467 -9.97 -17.59 -37.12
C ALA A 467 -10.81 -17.33 -38.36
N ILE A 468 -11.63 -18.31 -38.74
CA ILE A 468 -12.49 -18.18 -39.89
C ILE A 468 -13.93 -18.44 -39.47
N PRO A 469 -14.86 -17.60 -39.97
CA PRO A 469 -16.29 -17.72 -39.66
C PRO A 469 -16.78 -19.15 -39.89
N HIS A 470 -17.70 -19.61 -39.05
CA HIS A 470 -18.24 -20.96 -39.19
C HIS A 470 -19.73 -20.95 -38.87
N PRO A 471 -20.51 -21.77 -39.60
CA PRO A 471 -21.96 -21.87 -39.39
C PRO A 471 -22.37 -22.31 -37.98
N LYS A 472 -21.95 -23.51 -37.58
CA LYS A 472 -22.28 -24.02 -36.25
C LYS A 472 -21.58 -23.17 -35.19
N TRP A 473 -20.30 -23.47 -34.97
CA TRP A 473 -19.51 -22.73 -34.00
C TRP A 473 -19.31 -21.35 -34.63
N GLN A 474 -18.96 -20.35 -33.84
CA GLN A 474 -18.79 -19.01 -34.41
C GLN A 474 -17.58 -18.92 -35.33
N GLU A 475 -16.45 -19.44 -34.88
CA GLU A 475 -15.22 -19.41 -35.66
C GLU A 475 -14.46 -20.72 -35.49
N ARG A 476 -13.63 -21.03 -36.48
CA ARG A 476 -12.82 -22.23 -36.44
C ARG A 476 -11.46 -21.84 -37.00
N PRO A 477 -10.40 -22.53 -36.55
CA PRO A 477 -9.05 -22.23 -37.02
C PRO A 477 -8.73 -22.76 -38.42
N LEU A 478 -7.98 -21.96 -39.16
CA LEU A 478 -7.52 -22.31 -40.50
C LEU A 478 -6.04 -22.01 -40.53
N ALA A 479 -5.24 -22.97 -41.01
CA ALA A 479 -3.80 -22.78 -41.08
C ALA A 479 -3.30 -22.61 -42.51
N VAL A 480 -2.59 -21.52 -42.75
CA VAL A 480 -2.00 -21.24 -44.06
C VAL A 480 -0.53 -21.63 -43.94
N VAL A 481 -0.18 -22.77 -44.52
CA VAL A 481 1.17 -23.30 -44.45
C VAL A 481 2.06 -22.90 -45.63
N VAL A 482 3.35 -22.76 -45.36
CA VAL A 482 4.33 -22.45 -46.39
C VAL A 482 5.30 -23.61 -46.26
N PRO A 483 5.15 -24.62 -47.12
CA PRO A 483 5.98 -25.85 -47.15
C PRO A 483 7.49 -25.64 -47.15
N ARG A 484 8.18 -26.60 -46.56
CA ARG A 484 9.63 -26.61 -46.50
C ARG A 484 10.03 -27.69 -47.50
N GLY A 485 9.83 -27.38 -48.79
CA GLY A 485 10.14 -28.33 -49.83
C GLY A 485 8.89 -29.15 -50.11
N GLU A 486 8.91 -30.41 -49.71
CA GLU A 486 7.76 -31.29 -49.89
C GLU A 486 6.68 -30.87 -48.89
N LYS A 487 5.54 -30.41 -49.38
CA LYS A 487 4.48 -29.99 -48.47
C LYS A 487 3.95 -31.18 -47.70
N PRO A 488 3.76 -31.02 -46.38
CA PRO A 488 3.25 -32.08 -45.50
C PRO A 488 1.76 -32.33 -45.68
N THR A 489 1.28 -33.40 -45.06
CA THR A 489 -0.14 -33.74 -45.13
C THR A 489 -0.84 -33.19 -43.89
N PRO A 490 -2.13 -32.86 -44.02
CA PRO A 490 -2.86 -32.34 -42.86
C PRO A 490 -2.82 -33.31 -41.68
N GLU A 491 -2.66 -34.59 -41.97
CA GLU A 491 -2.61 -35.60 -40.91
C GLU A 491 -1.28 -35.52 -40.17
N GLU A 492 -0.19 -35.36 -40.91
CA GLU A 492 1.13 -35.25 -40.29
C GLU A 492 1.10 -34.12 -39.28
N LEU A 493 0.64 -32.95 -39.73
CA LEU A 493 0.55 -31.77 -38.89
C LEU A 493 -0.40 -31.94 -37.71
N ASN A 494 -1.46 -32.72 -37.90
CA ASN A 494 -2.41 -32.94 -36.82
C ASN A 494 -1.79 -33.77 -35.70
N GLU A 495 -1.00 -34.77 -36.06
CA GLU A 495 -0.33 -35.62 -35.06
C GLU A 495 0.78 -34.82 -34.38
N HIS A 496 1.44 -33.96 -35.13
CA HIS A 496 2.51 -33.14 -34.60
C HIS A 496 1.97 -32.20 -33.52
N LEU A 497 0.69 -31.87 -33.63
CA LEU A 497 0.04 -30.99 -32.67
C LEU A 497 -0.48 -31.81 -31.49
N LEU A 498 -0.95 -33.02 -31.77
CA LEU A 498 -1.46 -33.90 -30.73
C LEU A 498 -0.31 -34.28 -29.81
N LYS A 499 0.88 -34.46 -30.38
CA LYS A 499 2.06 -34.79 -29.60
C LYS A 499 2.59 -33.54 -28.92
N ALA A 500 1.82 -32.45 -29.00
CA ALA A 500 2.22 -31.19 -28.40
C ALA A 500 1.32 -30.80 -27.22
N GLY A 501 0.23 -31.53 -27.05
CA GLY A 501 -0.66 -31.23 -25.94
C GLY A 501 -1.99 -30.64 -26.37
N PHE A 502 -2.24 -30.60 -27.68
CA PHE A 502 -3.50 -30.07 -28.18
C PHE A 502 -4.52 -31.20 -28.33
N ALA A 503 -5.78 -30.90 -28.04
CA ALA A 503 -6.84 -31.89 -28.16
C ALA A 503 -7.50 -31.77 -29.53
N LYS A 504 -8.21 -32.81 -29.95
CA LYS A 504 -8.87 -32.81 -31.25
C LYS A 504 -9.71 -31.55 -31.48
N TRP A 505 -10.61 -31.26 -30.55
CA TRP A 505 -11.50 -30.11 -30.69
C TRP A 505 -10.80 -28.79 -31.04
N GLN A 506 -9.50 -28.70 -30.81
CA GLN A 506 -8.79 -27.47 -31.12
C GLN A 506 -7.89 -27.52 -32.35
N LEU A 507 -7.75 -28.69 -32.96
CA LEU A 507 -6.94 -28.84 -34.16
C LEU A 507 -7.57 -28.05 -35.32
N PRO A 508 -6.72 -27.46 -36.18
CA PRO A 508 -7.26 -26.69 -37.31
C PRO A 508 -8.12 -27.59 -38.19
N ASP A 509 -9.24 -27.05 -38.68
CA ASP A 509 -10.14 -27.83 -39.53
C ASP A 509 -9.60 -28.07 -40.93
N ALA A 510 -8.80 -27.12 -41.43
CA ALA A 510 -8.24 -27.23 -42.77
C ALA A 510 -6.86 -26.59 -42.86
N TYR A 511 -6.01 -27.14 -43.73
CA TYR A 511 -4.68 -26.61 -43.94
C TYR A 511 -4.51 -26.18 -45.39
N VAL A 512 -4.33 -24.88 -45.62
CA VAL A 512 -4.13 -24.35 -46.96
C VAL A 512 -2.62 -24.18 -47.15
N PHE A 513 -2.19 -23.98 -48.38
CA PHE A 513 -0.77 -23.80 -48.67
C PHE A 513 -0.49 -22.57 -49.52
N ALA A 514 0.72 -22.06 -49.41
CA ALA A 514 1.13 -20.87 -50.17
C ALA A 514 2.65 -20.80 -50.23
N GLU A 515 3.15 -19.89 -51.05
CA GLU A 515 4.60 -19.72 -51.20
C GLU A 515 5.12 -18.59 -50.32
N GLU A 516 4.19 -17.85 -49.72
CA GLU A 516 4.57 -16.73 -48.87
C GLU A 516 3.33 -16.19 -48.16
N ILE A 517 3.52 -15.67 -46.96
CA ILE A 517 2.43 -15.11 -46.19
C ILE A 517 2.62 -13.61 -46.05
N PRO A 518 1.61 -12.82 -46.44
CA PRO A 518 1.66 -11.36 -46.36
C PRO A 518 2.18 -10.83 -45.03
N ARG A 519 3.31 -10.14 -45.10
CA ARG A 519 3.93 -9.57 -43.90
C ARG A 519 3.49 -8.14 -43.70
N THR A 520 4.10 -7.47 -42.71
CA THR A 520 3.80 -6.07 -42.42
C THR A 520 5.12 -5.33 -42.35
N SER A 521 5.04 -4.03 -42.05
CA SER A 521 6.25 -3.22 -41.95
C SER A 521 7.20 -3.88 -40.94
N ALA A 522 6.60 -4.48 -39.92
CA ALA A 522 7.38 -5.14 -38.86
C ALA A 522 7.71 -6.58 -39.25
N GLY A 523 7.27 -6.99 -40.44
CA GLY A 523 7.54 -8.34 -40.89
C GLY A 523 6.71 -9.38 -40.18
N LYS A 524 5.59 -8.97 -39.60
CA LYS A 524 4.70 -9.88 -38.89
C LYS A 524 3.58 -10.32 -39.83
N PHE A 525 2.99 -11.48 -39.56
CA PHE A 525 1.92 -12.00 -40.39
C PHE A 525 0.76 -11.02 -40.49
N LEU A 526 0.37 -10.71 -41.73
CA LEU A 526 -0.73 -9.78 -41.99
C LEU A 526 -2.01 -10.62 -42.00
N LYS A 527 -2.37 -11.17 -40.84
CA LYS A 527 -3.55 -12.00 -40.70
C LYS A 527 -4.84 -11.30 -41.13
N ARG A 528 -4.78 -9.97 -41.18
CA ARG A 528 -5.92 -9.16 -41.59
C ARG A 528 -6.40 -9.62 -42.96
N ALA A 529 -5.46 -9.72 -43.90
CA ALA A 529 -5.73 -10.14 -45.26
C ALA A 529 -6.22 -11.58 -45.33
N LEU A 530 -5.54 -12.47 -44.61
CA LEU A 530 -5.91 -13.88 -44.59
C LEU A 530 -7.34 -14.08 -44.11
N ARG A 531 -7.76 -13.32 -43.09
CA ARG A 531 -9.11 -13.45 -42.58
C ARG A 531 -10.14 -13.10 -43.63
N GLU A 532 -9.79 -12.19 -44.52
CA GLU A 532 -10.72 -11.78 -45.57
C GLU A 532 -10.68 -12.71 -46.78
N GLN A 533 -9.48 -13.18 -47.12
CA GLN A 533 -9.33 -14.08 -48.26
C GLN A 533 -10.18 -15.33 -48.05
N TYR A 534 -9.94 -16.02 -46.92
CA TYR A 534 -10.66 -17.24 -46.61
C TYR A 534 -11.89 -16.95 -45.76
N LYS A 535 -12.44 -15.75 -45.95
CA LYS A 535 -13.63 -15.30 -45.24
C LYS A 535 -14.75 -16.35 -45.20
N ASN A 536 -15.02 -16.97 -46.36
CA ASN A 536 -16.09 -17.97 -46.44
C ASN A 536 -15.59 -19.36 -46.81
N TYR A 537 -14.38 -19.69 -46.37
CA TYR A 537 -13.79 -20.99 -46.67
C TYR A 537 -14.55 -22.13 -45.99
N TYR A 538 -15.17 -21.84 -44.85
CA TYR A 538 -15.94 -22.85 -44.14
C TYR A 538 -17.43 -22.63 -44.32
N GLY A 539 -17.78 -21.79 -45.30
CA GLY A 539 -19.17 -21.52 -45.57
C GLY A 539 -19.87 -20.70 -44.51
N GLY A 540 -19.08 -19.99 -43.70
CA GLY A 540 -19.66 -19.16 -42.66
C GLY A 540 -19.91 -17.75 -43.16
N ASN B 7 -28.65 13.44 -1.24
CA ASN B 7 -28.09 12.25 -0.53
C ASN B 7 -26.89 11.67 -1.28
N ALA B 8 -25.95 11.08 -0.54
CA ALA B 8 -24.74 10.52 -1.15
C ALA B 8 -25.07 9.52 -2.26
N PHE B 9 -24.39 9.69 -3.39
CA PHE B 9 -24.58 8.86 -4.58
C PHE B 9 -23.95 7.48 -4.34
N PRO B 10 -24.71 6.41 -4.61
CA PRO B 10 -24.17 5.05 -4.41
C PRO B 10 -23.10 4.72 -5.45
N SER B 11 -22.13 3.90 -5.07
CA SER B 11 -21.11 3.51 -6.02
C SER B 11 -21.47 2.11 -6.52
N THR B 12 -20.73 1.60 -7.49
CA THR B 12 -20.99 0.27 -8.01
C THR B 12 -19.91 -0.69 -7.57
N MET B 13 -19.05 -0.23 -6.66
CA MET B 13 -17.95 -1.06 -6.13
C MET B 13 -18.56 -2.20 -5.34
N MET B 14 -18.00 -3.40 -5.49
CA MET B 14 -18.56 -4.53 -4.77
C MET B 14 -18.35 -4.46 -3.26
N ASP B 15 -19.26 -5.10 -2.52
CA ASP B 15 -19.18 -5.13 -1.06
C ASP B 15 -18.11 -6.14 -0.70
N GLU B 16 -17.03 -5.66 -0.12
CA GLU B 16 -15.95 -6.53 0.27
C GLU B 16 -15.39 -6.03 1.58
N GLU B 17 -14.68 -6.91 2.29
CA GLU B 17 -14.09 -6.53 3.56
C GLU B 17 -12.59 -6.78 3.47
N LEU B 18 -11.81 -6.03 4.23
CA LEU B 18 -10.37 -6.25 4.27
C LEU B 18 -10.20 -7.35 5.32
N ASN B 19 -9.24 -8.25 5.14
CA ASN B 19 -9.04 -9.32 6.10
C ASN B 19 -7.58 -9.78 6.08
N LEU B 20 -6.95 -9.81 7.25
CA LEU B 20 -5.56 -10.20 7.41
C LEU B 20 -5.24 -11.54 6.76
N TRP B 21 -6.18 -12.47 6.78
CA TRP B 21 -5.92 -13.78 6.21
C TRP B 21 -5.51 -13.71 4.75
N ASP B 22 -6.01 -12.68 4.04
CA ASP B 22 -5.69 -12.50 2.63
C ASP B 22 -4.20 -12.37 2.36
N PHE B 23 -3.48 -11.79 3.31
CA PHE B 23 -2.03 -11.63 3.16
C PHE B 23 -1.35 -12.99 3.02
N LEU B 24 -1.70 -13.92 3.90
CA LEU B 24 -1.08 -15.24 3.89
C LEU B 24 -1.50 -16.08 2.67
N GLU B 25 -2.78 -16.00 2.32
CA GLU B 25 -3.29 -16.73 1.17
C GLU B 25 -2.55 -16.23 -0.09
N ARG B 26 -2.45 -14.91 -0.22
CA ARG B 26 -1.77 -14.31 -1.35
C ARG B 26 -0.31 -14.74 -1.36
N ALA B 27 0.29 -14.79 -0.18
CA ALA B 27 1.68 -15.20 -0.03
C ALA B 27 1.87 -16.66 -0.42
N ALA B 28 0.91 -17.50 -0.06
CA ALA B 28 1.00 -18.92 -0.37
C ALA B 28 0.88 -19.14 -1.88
N ALA B 29 0.04 -18.34 -2.54
CA ALA B 29 -0.17 -18.46 -3.97
C ALA B 29 0.92 -17.84 -4.84
N LEU B 30 1.42 -16.67 -4.48
CA LEU B 30 2.43 -15.99 -5.31
C LEU B 30 3.86 -16.12 -4.84
N PHE B 31 4.07 -16.36 -3.55
CA PHE B 31 5.42 -16.45 -3.00
C PHE B 31 5.56 -17.65 -2.08
N GLY B 32 4.88 -18.73 -2.42
CA GLY B 32 4.91 -19.95 -1.62
C GLY B 32 6.25 -20.50 -1.19
N ARG B 33 7.29 -20.29 -2.00
CA ARG B 33 8.61 -20.80 -1.67
C ARG B 33 9.53 -19.86 -0.90
N LYS B 34 9.09 -18.62 -0.68
CA LYS B 34 9.92 -17.69 0.06
C LYS B 34 10.01 -18.25 1.47
N GLU B 35 11.19 -18.15 2.06
CA GLU B 35 11.43 -18.69 3.38
C GLU B 35 11.07 -17.85 4.60
N VAL B 36 10.78 -18.58 5.67
CA VAL B 36 10.50 -18.03 6.98
C VAL B 36 11.47 -18.84 7.85
N VAL B 37 12.57 -18.20 8.24
CA VAL B 37 13.60 -18.83 9.07
C VAL B 37 13.42 -18.43 10.53
N SER B 38 13.66 -19.37 11.44
CA SER B 38 13.49 -19.09 12.87
C SER B 38 14.59 -19.69 13.75
N ARG B 39 15.10 -18.89 14.69
CA ARG B 39 16.07 -19.41 15.64
C ARG B 39 15.27 -19.62 16.93
N LEU B 40 15.15 -20.88 17.36
CA LEU B 40 14.39 -21.20 18.57
C LEU B 40 15.17 -20.84 19.84
N HIS B 41 14.53 -20.95 21.00
CA HIS B 41 15.20 -20.62 22.26
C HIS B 41 16.45 -21.48 22.48
N THR B 42 16.46 -22.67 21.91
CA THR B 42 17.60 -23.57 22.03
C THR B 42 18.76 -23.09 21.15
N GLY B 43 18.46 -22.21 20.20
CA GLY B 43 19.50 -21.72 19.32
C GLY B 43 19.50 -22.41 17.96
N GLU B 44 18.69 -23.46 17.83
CA GLU B 44 18.63 -24.18 16.57
C GLU B 44 17.86 -23.34 15.56
N VAL B 45 18.17 -23.52 14.27
CA VAL B 45 17.52 -22.77 13.21
C VAL B 45 16.52 -23.58 12.39
N HIS B 46 15.24 -23.22 12.49
CA HIS B 46 14.19 -23.91 11.77
C HIS B 46 13.83 -23.18 10.48
N ARG B 47 13.59 -23.93 9.41
CA ARG B 47 13.26 -23.33 8.12
C ARG B 47 11.92 -23.84 7.57
N THR B 48 11.13 -22.92 7.02
CA THR B 48 9.84 -23.26 6.42
C THR B 48 9.55 -22.25 5.32
N THR B 49 8.33 -22.24 4.80
CA THR B 49 7.96 -21.33 3.73
C THR B 49 6.52 -20.87 3.91
N TYR B 50 6.12 -19.83 3.18
CA TYR B 50 4.76 -19.33 3.29
C TYR B 50 3.74 -20.41 2.97
N ALA B 51 4.02 -21.22 1.96
CA ALA B 51 3.11 -22.28 1.56
C ALA B 51 2.86 -23.20 2.75
N GLU B 52 3.94 -23.59 3.44
CA GLU B 52 3.82 -24.46 4.58
C GLU B 52 3.12 -23.76 5.74
N VAL B 53 3.49 -22.50 5.99
CA VAL B 53 2.90 -21.71 7.06
C VAL B 53 1.39 -21.57 6.85
N TYR B 54 1.01 -21.45 5.59
CA TYR B 54 -0.39 -21.31 5.20
C TYR B 54 -1.16 -22.59 5.53
N GLN B 55 -0.59 -23.72 5.10
CA GLN B 55 -1.20 -25.03 5.34
C GLN B 55 -1.26 -25.36 6.83
N ARG B 56 -0.19 -25.04 7.56
CA ARG B 56 -0.18 -25.33 8.99
C ARG B 56 -1.13 -24.38 9.73
N ALA B 57 -1.24 -23.15 9.23
CA ALA B 57 -2.12 -22.17 9.85
C ALA B 57 -3.57 -22.63 9.72
N ARG B 58 -3.91 -23.21 8.57
CA ARG B 58 -5.26 -23.71 8.36
C ARG B 58 -5.52 -24.84 9.34
N ARG B 59 -4.49 -25.63 9.65
CA ARG B 59 -4.64 -26.72 10.60
C ARG B 59 -4.74 -26.15 12.02
N LEU B 60 -4.11 -25.01 12.26
CA LEU B 60 -4.16 -24.42 13.58
C LEU B 60 -5.59 -23.93 13.81
N MET B 61 -6.24 -23.43 12.77
CA MET B 61 -7.63 -22.96 12.91
C MET B 61 -8.53 -24.15 13.26
N GLY B 62 -8.25 -25.29 12.63
CA GLY B 62 -9.04 -26.47 12.90
C GLY B 62 -8.85 -26.92 14.32
N GLY B 63 -7.59 -26.99 14.75
CA GLY B 63 -7.28 -27.39 16.11
C GLY B 63 -7.88 -26.48 17.17
N LEU B 64 -7.78 -25.17 16.95
CA LEU B 64 -8.33 -24.22 17.91
C LEU B 64 -9.84 -24.39 17.97
N ARG B 65 -10.45 -24.68 16.82
CA ARG B 65 -11.90 -24.87 16.78
C ARG B 65 -12.24 -26.09 17.61
N ALA B 66 -11.46 -27.15 17.43
CA ALA B 66 -11.65 -28.38 18.18
C ALA B 66 -11.54 -28.11 19.68
N LEU B 67 -10.81 -27.06 20.05
CA LEU B 67 -10.63 -26.71 21.46
C LEU B 67 -11.67 -25.72 21.95
N GLY B 68 -12.70 -25.49 21.14
CA GLY B 68 -13.77 -24.60 21.55
C GLY B 68 -13.66 -23.12 21.21
N VAL B 69 -12.64 -22.73 20.46
CA VAL B 69 -12.48 -21.33 20.08
C VAL B 69 -13.44 -20.94 18.96
N GLY B 70 -14.20 -19.88 19.17
CA GLY B 70 -15.13 -19.43 18.16
C GLY B 70 -14.96 -17.96 17.82
N VAL B 71 -15.72 -17.50 16.82
CA VAL B 71 -15.65 -16.11 16.40
C VAL B 71 -15.72 -15.19 17.61
N GLY B 72 -14.80 -14.24 17.68
CA GLY B 72 -14.78 -13.31 18.80
C GLY B 72 -14.05 -13.75 20.06
N ASP B 73 -13.74 -15.04 20.18
CA ASP B 73 -13.04 -15.50 21.39
C ASP B 73 -11.57 -15.08 21.37
N ARG B 74 -11.02 -14.81 22.55
CA ARG B 74 -9.62 -14.44 22.64
C ARG B 74 -8.71 -15.64 22.85
N VAL B 75 -7.61 -15.65 22.12
CA VAL B 75 -6.58 -16.68 22.21
C VAL B 75 -5.30 -15.87 22.44
N ALA B 76 -4.57 -16.20 23.50
CA ALA B 76 -3.37 -15.44 23.81
C ALA B 76 -2.05 -16.15 23.52
N THR B 77 -1.00 -15.35 23.36
CA THR B 77 0.34 -15.88 23.13
C THR B 77 1.30 -15.23 24.14
N LEU B 78 2.30 -16.00 24.54
CA LEU B 78 3.33 -15.55 25.45
C LEU B 78 4.57 -16.12 24.80
N GLY B 79 5.12 -15.39 23.83
CA GLY B 79 6.28 -15.92 23.16
C GLY B 79 7.04 -14.91 22.36
N PHE B 80 8.10 -15.38 21.73
CA PHE B 80 8.95 -14.54 20.91
C PHE B 80 8.73 -14.78 19.42
N ASN B 81 9.54 -14.13 18.59
CA ASN B 81 9.41 -14.22 17.14
C ASN B 81 9.95 -15.52 16.55
N HIS B 82 9.04 -16.36 16.04
CA HIS B 82 9.36 -17.64 15.40
C HIS B 82 8.15 -18.07 14.57
N PHE B 83 8.32 -19.07 13.72
CA PHE B 83 7.25 -19.52 12.83
C PHE B 83 5.91 -19.87 13.45
N ARG B 84 5.89 -20.47 14.64
CA ARG B 84 4.61 -20.81 15.24
C ARG B 84 3.84 -19.57 15.64
N HIS B 85 4.57 -18.54 16.08
CA HIS B 85 3.92 -17.30 16.46
C HIS B 85 3.36 -16.65 15.18
N LEU B 86 4.06 -16.85 14.07
CA LEU B 86 3.60 -16.31 12.79
C LEU B 86 2.31 -17.02 12.37
N GLU B 87 2.27 -18.33 12.52
CA GLU B 87 1.06 -19.09 12.16
C GLU B 87 -0.12 -18.64 13.03
N ALA B 88 0.14 -18.35 14.30
CA ALA B 88 -0.94 -17.90 15.19
C ALA B 88 -1.39 -16.51 14.75
N TYR B 89 -0.45 -15.70 14.28
CA TYR B 89 -0.75 -14.35 13.84
C TYR B 89 -1.84 -14.36 12.77
N PHE B 90 -1.87 -15.44 11.98
CA PHE B 90 -2.85 -15.57 10.91
C PHE B 90 -4.04 -16.47 11.24
N ALA B 91 -3.79 -17.58 11.92
CA ALA B 91 -4.85 -18.52 12.27
C ALA B 91 -5.96 -17.90 13.13
N VAL B 92 -5.58 -17.27 14.24
CA VAL B 92 -6.56 -16.68 15.13
C VAL B 92 -7.43 -15.65 14.41
N PRO B 93 -6.81 -14.65 13.76
CA PRO B 93 -7.64 -13.67 13.04
C PRO B 93 -8.38 -14.31 11.87
N GLY B 94 -7.73 -15.25 11.22
CA GLY B 94 -8.33 -15.93 10.08
C GLY B 94 -9.61 -16.71 10.39
N MET B 95 -9.79 -17.11 11.64
CA MET B 95 -10.97 -17.86 12.03
C MET B 95 -11.97 -16.98 12.75
N GLY B 96 -11.70 -15.67 12.75
CA GLY B 96 -12.60 -14.74 13.41
C GLY B 96 -12.35 -14.52 14.88
N ALA B 97 -11.27 -15.11 15.40
CA ALA B 97 -10.95 -14.95 16.82
C ALA B 97 -10.05 -13.73 17.02
N VAL B 98 -9.72 -13.43 18.28
CA VAL B 98 -8.92 -12.29 18.64
C VAL B 98 -7.58 -12.70 19.25
N LEU B 99 -6.49 -12.29 18.60
CA LEU B 99 -5.15 -12.62 19.08
C LEU B 99 -4.66 -11.69 20.18
N HIS B 100 -4.64 -12.16 21.41
CA HIS B 100 -4.16 -11.33 22.51
C HIS B 100 -2.68 -11.65 22.71
N THR B 101 -1.80 -10.71 22.36
CA THR B 101 -0.37 -10.90 22.53
C THR B 101 0.07 -10.32 23.88
N ALA B 102 0.61 -11.17 24.74
CA ALA B 102 1.07 -10.74 26.05
C ALA B 102 2.59 -10.71 26.09
N ASN B 103 3.14 -9.72 26.78
CA ASN B 103 4.58 -9.52 26.93
C ASN B 103 5.15 -10.46 28.00
N PRO B 104 5.99 -11.43 27.62
CA PRO B 104 6.61 -12.40 28.55
C PRO B 104 7.49 -11.79 29.62
N ARG B 105 7.89 -10.54 29.44
CA ARG B 105 8.78 -9.89 30.41
C ARG B 105 8.05 -9.11 31.50
N LEU B 106 6.72 -9.16 31.48
CA LEU B 106 5.93 -8.47 32.50
C LEU B 106 5.90 -9.37 33.72
N SER B 107 5.59 -8.79 34.87
CA SER B 107 5.51 -9.56 36.11
C SER B 107 4.41 -10.59 36.00
N PRO B 108 4.53 -11.70 36.75
CA PRO B 108 3.50 -12.74 36.70
C PRO B 108 2.11 -12.20 37.04
N LYS B 109 2.06 -11.24 37.96
CA LYS B 109 0.79 -10.65 38.37
C LYS B 109 0.10 -9.89 37.25
N GLU B 110 0.85 -9.07 36.54
CA GLU B 110 0.30 -8.30 35.44
C GLU B 110 -0.14 -9.22 34.30
N ILE B 111 0.58 -10.31 34.08
CA ILE B 111 0.22 -11.24 33.02
C ILE B 111 -1.10 -11.93 33.33
N ALA B 112 -1.27 -12.33 34.59
CA ALA B 112 -2.50 -13.00 35.01
C ALA B 112 -3.65 -12.00 34.93
N TYR B 113 -3.37 -10.75 35.25
CA TYR B 113 -4.41 -9.74 35.20
C TYR B 113 -4.91 -9.50 33.77
N ILE B 114 -4.00 -9.30 32.82
CA ILE B 114 -4.44 -9.07 31.45
C ILE B 114 -5.03 -10.33 30.83
N LEU B 115 -4.55 -11.51 31.23
CA LEU B 115 -5.11 -12.74 30.68
C LEU B 115 -6.54 -12.94 31.25
N ASN B 116 -6.75 -12.51 32.50
CA ASN B 116 -8.07 -12.64 33.10
C ASN B 116 -9.00 -11.55 32.59
N HIS B 117 -8.47 -10.36 32.37
CA HIS B 117 -9.29 -9.25 31.87
C HIS B 117 -9.72 -9.53 30.43
N ALA B 118 -8.84 -10.08 29.61
CA ALA B 118 -9.20 -10.39 28.22
C ALA B 118 -9.99 -11.69 28.16
N GLU B 119 -10.06 -12.37 29.30
CA GLU B 119 -10.74 -13.65 29.40
C GLU B 119 -10.30 -14.60 28.28
N ASP B 120 -8.99 -14.71 28.10
CA ASP B 120 -8.48 -15.60 27.08
C ASP B 120 -8.95 -17.02 27.35
N LYS B 121 -9.29 -17.72 26.28
CA LYS B 121 -9.78 -19.09 26.38
C LYS B 121 -8.67 -20.11 26.14
N VAL B 122 -7.65 -19.70 25.40
CA VAL B 122 -6.51 -20.56 25.09
C VAL B 122 -5.23 -19.74 25.19
N LEU B 123 -4.16 -20.38 25.63
CA LEU B 123 -2.88 -19.70 25.75
C LEU B 123 -1.79 -20.49 25.05
N LEU B 124 -1.09 -19.82 24.13
CA LEU B 124 0.01 -20.43 23.41
C LEU B 124 1.27 -19.78 23.99
N PHE B 125 2.21 -20.59 24.46
CA PHE B 125 3.41 -20.01 25.04
C PHE B 125 4.66 -20.80 24.73
N ASP B 126 5.80 -20.12 24.74
CA ASP B 126 7.07 -20.75 24.48
C ASP B 126 7.52 -21.65 25.64
N PRO B 127 8.17 -22.78 25.31
CA PRO B 127 8.66 -23.75 26.29
C PRO B 127 9.42 -23.11 27.46
N ASN B 128 10.30 -22.18 27.14
CA ASN B 128 11.10 -21.53 28.17
C ASN B 128 10.31 -20.60 29.09
N LEU B 129 9.00 -20.56 28.92
CA LEU B 129 8.16 -19.74 29.80
C LEU B 129 7.25 -20.64 30.63
N LEU B 130 7.44 -21.95 30.53
CA LEU B 130 6.64 -22.88 31.29
C LEU B 130 6.69 -22.59 32.79
N PRO B 131 7.90 -22.31 33.32
CA PRO B 131 7.98 -22.03 34.76
C PRO B 131 7.08 -20.86 35.16
N LEU B 132 7.04 -19.83 34.33
CA LEU B 132 6.21 -18.68 34.61
C LEU B 132 4.73 -19.05 34.57
N VAL B 133 4.33 -19.70 33.49
CA VAL B 133 2.93 -20.10 33.33
C VAL B 133 2.50 -21.05 34.45
N GLU B 134 3.33 -22.03 34.77
CA GLU B 134 2.99 -22.98 35.82
C GLU B 134 2.75 -22.27 37.15
N ALA B 135 3.46 -21.18 37.38
CA ALA B 135 3.32 -20.42 38.62
C ALA B 135 2.01 -19.62 38.73
N ILE B 136 1.51 -19.11 37.59
CA ILE B 136 0.29 -18.33 37.63
C ILE B 136 -0.95 -19.12 37.21
N ARG B 137 -0.74 -20.32 36.70
CA ARG B 137 -1.86 -21.13 36.23
C ARG B 137 -3.07 -21.11 37.17
N GLY B 138 -2.80 -21.16 38.47
CA GLY B 138 -3.90 -21.17 39.43
C GLY B 138 -4.66 -19.86 39.57
N GLU B 139 -4.10 -18.78 39.05
CA GLU B 139 -4.75 -17.47 39.13
C GLU B 139 -5.57 -17.15 37.90
N LEU B 140 -5.44 -17.98 36.88
CA LEU B 140 -6.16 -17.74 35.63
C LEU B 140 -7.58 -18.32 35.71
N LYS B 141 -8.57 -17.46 35.63
CA LYS B 141 -9.96 -17.88 35.72
C LYS B 141 -10.58 -18.35 34.42
N THR B 142 -9.99 -18.02 33.28
CA THR B 142 -10.59 -18.39 32.01
C THR B 142 -9.85 -19.32 31.06
N VAL B 143 -8.53 -19.36 31.12
CA VAL B 143 -7.78 -20.23 30.21
C VAL B 143 -8.19 -21.68 30.40
N GLN B 144 -8.69 -22.30 29.33
CA GLN B 144 -9.13 -23.70 29.37
C GLN B 144 -8.11 -24.67 28.75
N HIS B 145 -7.15 -24.14 27.99
CA HIS B 145 -6.16 -25.00 27.35
C HIS B 145 -4.80 -24.33 27.29
N PHE B 146 -3.78 -25.03 27.77
CA PHE B 146 -2.44 -24.47 27.74
C PHE B 146 -1.63 -25.19 26.67
N VAL B 147 -1.29 -24.46 25.62
CA VAL B 147 -0.54 -25.05 24.52
C VAL B 147 0.90 -24.56 24.47
N VAL B 148 1.84 -25.49 24.49
CA VAL B 148 3.24 -25.14 24.43
C VAL B 148 3.62 -25.08 22.96
N MET B 149 4.27 -24.00 22.56
CA MET B 149 4.68 -23.86 21.17
C MET B 149 5.98 -24.64 20.94
N ASP B 150 5.83 -25.95 20.82
CA ASP B 150 6.96 -26.85 20.61
C ASP B 150 6.38 -28.15 20.08
N GLU B 151 7.21 -29.17 19.94
CA GLU B 151 6.78 -30.48 19.45
C GLU B 151 6.17 -31.30 20.57
N LYS B 152 6.72 -31.15 21.77
CA LYS B 152 6.24 -31.90 22.94
C LYS B 152 5.89 -30.99 24.11
N ALA B 153 5.07 -31.50 25.01
CA ALA B 153 4.65 -30.74 26.17
C ALA B 153 4.53 -31.64 27.40
N PRO B 154 4.73 -31.06 28.60
CA PRO B 154 4.64 -31.81 29.86
C PRO B 154 3.21 -32.20 30.16
N GLU B 155 3.03 -32.91 31.27
CA GLU B 155 1.71 -33.33 31.73
C GLU B 155 0.85 -32.12 32.05
N GLY B 156 -0.41 -32.16 31.66
CA GLY B 156 -1.30 -31.04 31.94
C GLY B 156 -1.25 -29.99 30.85
N TYR B 157 -0.32 -30.16 29.93
CA TYR B 157 -0.18 -29.23 28.83
C TYR B 157 -0.33 -29.91 27.47
N LEU B 158 -0.76 -29.14 26.49
CA LEU B 158 -0.95 -29.64 25.13
C LEU B 158 0.15 -29.11 24.23
N ALA B 159 0.71 -29.98 23.40
CA ALA B 159 1.77 -29.59 22.47
C ALA B 159 1.14 -28.99 21.20
N TYR B 160 1.71 -27.88 20.75
CA TYR B 160 1.23 -27.20 19.56
C TYR B 160 1.08 -28.14 18.35
N GLU B 161 2.11 -28.93 18.07
CA GLU B 161 2.05 -29.85 16.95
C GLU B 161 0.93 -30.87 17.07
N GLU B 162 0.54 -31.21 18.29
CA GLU B 162 -0.55 -32.16 18.50
C GLU B 162 -1.90 -31.45 18.48
N ALA B 163 -1.90 -30.17 18.82
CA ALA B 163 -3.13 -29.40 18.84
C ALA B 163 -3.63 -29.15 17.42
N LEU B 164 -2.70 -29.15 16.46
CA LEU B 164 -3.06 -28.92 15.07
C LEU B 164 -4.04 -30.01 14.62
N GLY B 165 -5.12 -29.60 13.96
CA GLY B 165 -6.10 -30.55 13.47
C GLY B 165 -6.24 -30.54 11.96
N GLU B 166 -7.46 -30.74 11.48
CA GLU B 166 -7.73 -30.75 10.05
C GLU B 166 -7.71 -29.32 9.54
N GLU B 167 -7.22 -29.14 8.32
CA GLU B 167 -7.20 -27.82 7.72
C GLU B 167 -8.62 -27.31 7.69
N ALA B 168 -8.80 -26.04 8.04
CA ALA B 168 -10.12 -25.44 8.02
C ALA B 168 -10.07 -24.20 7.14
N ASP B 169 -11.19 -23.87 6.51
CA ASP B 169 -11.22 -22.66 5.68
C ASP B 169 -11.35 -21.50 6.64
N PRO B 170 -10.85 -20.32 6.24
CA PRO B 170 -10.95 -19.17 7.14
C PRO B 170 -12.42 -18.77 7.30
N VAL B 171 -12.69 -17.97 8.32
CA VAL B 171 -14.04 -17.50 8.58
C VAL B 171 -13.91 -15.98 8.63
N ARG B 172 -14.33 -15.35 7.55
CA ARG B 172 -14.25 -13.91 7.38
C ARG B 172 -15.29 -13.18 8.22
N VAL B 173 -14.87 -12.10 8.87
CA VAL B 173 -15.75 -11.30 9.71
C VAL B 173 -15.75 -9.86 9.19
N PRO B 174 -16.68 -9.02 9.66
CA PRO B 174 -16.65 -7.63 9.16
C PRO B 174 -15.26 -7.09 9.44
N GLU B 175 -14.72 -6.27 8.55
CA GLU B 175 -13.37 -5.74 8.76
C GLU B 175 -13.20 -4.92 10.03
N ARG B 176 -14.29 -4.35 10.53
CA ARG B 176 -14.20 -3.54 11.76
C ARG B 176 -14.21 -4.41 13.02
N ALA B 177 -14.38 -5.71 12.83
CA ALA B 177 -14.37 -6.64 13.97
C ALA B 177 -12.94 -6.80 14.48
N ALA B 178 -12.81 -7.22 15.73
CA ALA B 178 -11.50 -7.41 16.35
C ALA B 178 -10.72 -8.57 15.77
N CYS B 179 -9.41 -8.39 15.66
CA CYS B 179 -8.52 -9.43 15.16
C CYS B 179 -7.41 -9.65 16.21
N GLY B 180 -7.17 -8.63 17.03
CA GLY B 180 -6.16 -8.73 18.07
C GLY B 180 -6.32 -7.65 19.12
N MET B 181 -5.60 -7.81 20.22
CA MET B 181 -5.64 -6.83 21.31
C MET B 181 -4.36 -6.90 22.13
N ALA B 182 -4.02 -5.79 22.79
CA ALA B 182 -2.83 -5.71 23.63
C ALA B 182 -3.08 -4.70 24.74
N TYR B 183 -2.42 -4.87 25.88
CA TYR B 183 -2.61 -3.93 26.97
C TYR B 183 -1.44 -2.99 27.16
N THR B 184 -1.75 -1.80 27.68
CA THR B 184 -0.73 -0.81 27.98
C THR B 184 -0.09 -1.25 29.28
N THR B 185 0.99 -0.60 29.66
CA THR B 185 1.65 -0.97 30.90
C THR B 185 2.44 0.22 31.41
N GLY B 186 2.95 0.11 32.64
CA GLY B 186 3.73 1.20 33.23
C GLY B 186 2.87 2.39 33.65
N THR B 187 1.71 2.54 33.01
CA THR B 187 0.80 3.63 33.33
C THR B 187 0.33 3.43 34.76
N THR B 188 0.66 4.39 35.62
CA THR B 188 0.30 4.36 37.03
C THR B 188 -0.91 3.49 37.40
N GLY B 189 -1.94 3.51 36.56
CA GLY B 189 -3.14 2.74 36.85
C GLY B 189 -3.20 1.33 36.30
N LEU B 190 -4.41 0.80 36.19
CA LEU B 190 -4.64 -0.54 35.67
C LEU B 190 -4.26 -0.63 34.18
N PRO B 191 -3.82 -1.81 33.72
CA PRO B 191 -3.46 -1.95 32.32
C PRO B 191 -4.69 -1.66 31.46
N LYS B 192 -4.47 -1.00 30.32
CA LYS B 192 -5.57 -0.68 29.44
C LYS B 192 -5.51 -1.50 28.17
N GLY B 193 -6.64 -2.12 27.83
CA GLY B 193 -6.70 -2.94 26.64
C GLY B 193 -7.10 -2.20 25.38
N VAL B 194 -6.35 -2.44 24.29
CA VAL B 194 -6.64 -1.81 23.02
C VAL B 194 -6.97 -2.96 22.06
N VAL B 195 -8.12 -2.87 21.40
CA VAL B 195 -8.55 -3.91 20.49
C VAL B 195 -8.48 -3.48 19.03
N TYR B 196 -7.61 -4.15 18.27
CA TYR B 196 -7.40 -3.83 16.86
C TYR B 196 -8.35 -4.60 15.95
N SER B 197 -8.61 -4.04 14.78
CA SER B 197 -9.49 -4.67 13.81
C SER B 197 -8.69 -5.05 12.57
N HIS B 198 -9.27 -5.94 11.76
CA HIS B 198 -8.62 -6.37 10.52
C HIS B 198 -8.37 -5.12 9.68
N ARG B 199 -9.40 -4.30 9.54
CA ARG B 199 -9.32 -3.07 8.78
C ARG B 199 -8.11 -2.25 9.20
N ALA B 200 -7.98 -2.05 10.51
CA ALA B 200 -6.90 -1.27 11.07
C ALA B 200 -5.51 -1.82 10.70
N LEU B 201 -5.30 -3.11 10.93
CA LEU B 201 -4.00 -3.70 10.64
C LEU B 201 -3.66 -3.83 9.17
N VAL B 202 -4.66 -4.08 8.33
CA VAL B 202 -4.43 -4.20 6.89
C VAL B 202 -4.03 -2.82 6.35
N LEU B 203 -4.80 -1.80 6.73
CA LEU B 203 -4.51 -0.43 6.29
C LEU B 203 -3.16 0.04 6.78
N HIS B 204 -2.83 -0.28 8.03
CA HIS B 204 -1.56 0.12 8.60
C HIS B 204 -0.39 -0.57 7.89
N SER B 205 -0.56 -1.84 7.54
CA SER B 205 0.49 -2.54 6.85
C SER B 205 0.76 -1.91 5.48
N LEU B 206 -0.29 -1.38 4.85
CA LEU B 206 -0.09 -0.75 3.54
C LEU B 206 0.58 0.61 3.71
N ALA B 207 -0.03 1.46 4.54
CA ALA B 207 0.46 2.82 4.76
C ALA B 207 1.89 2.96 5.25
N ALA B 208 2.36 2.00 6.04
CA ALA B 208 3.72 2.09 6.58
C ALA B 208 4.80 1.46 5.70
N SER B 209 4.39 0.70 4.70
CA SER B 209 5.32 -0.01 3.84
C SER B 209 5.75 0.67 2.54
N LEU B 210 5.25 1.89 2.31
CA LEU B 210 5.60 2.63 1.11
C LEU B 210 7.08 2.98 1.11
N VAL B 211 7.57 3.46 -0.03
CA VAL B 211 8.99 3.84 -0.18
C VAL B 211 9.47 4.77 0.92
N ASP B 212 8.68 5.79 1.25
CA ASP B 212 9.08 6.73 2.30
C ASP B 212 8.86 6.15 3.69
N GLY B 213 8.45 4.89 3.74
CA GLY B 213 8.25 4.23 5.01
C GLY B 213 9.28 3.11 5.10
N THR B 214 8.82 1.88 5.33
CA THR B 214 9.70 0.73 5.43
C THR B 214 10.15 0.21 4.07
N ALA B 215 9.45 0.66 3.02
CA ALA B 215 9.78 0.25 1.66
C ALA B 215 9.90 -1.26 1.49
N LEU B 216 9.00 -2.01 2.12
CA LEU B 216 9.02 -3.45 2.03
C LEU B 216 8.79 -3.98 0.63
N SER B 217 9.67 -4.90 0.22
CA SER B 217 9.61 -5.52 -1.09
C SER B 217 9.81 -7.03 -0.99
N GLU B 218 9.29 -7.74 -1.99
CA GLU B 218 9.42 -9.19 -2.05
C GLU B 218 10.89 -9.62 -2.05
N LYS B 219 11.77 -8.73 -2.52
CA LYS B 219 13.19 -9.05 -2.57
C LYS B 219 13.89 -8.88 -1.22
N ASP B 220 13.21 -8.27 -0.26
CA ASP B 220 13.81 -8.06 1.05
C ASP B 220 13.90 -9.33 1.89
N VAL B 221 14.79 -9.27 2.86
CA VAL B 221 14.98 -10.35 3.82
C VAL B 221 14.76 -9.55 5.11
N VAL B 222 13.59 -9.73 5.71
CA VAL B 222 13.22 -8.99 6.91
C VAL B 222 13.47 -9.70 8.26
N LEU B 223 14.13 -8.98 9.16
CA LEU B 223 14.40 -9.54 10.49
C LEU B 223 13.79 -8.65 11.57
N PRO B 224 12.62 -9.04 12.08
CA PRO B 224 11.89 -8.31 13.13
C PRO B 224 12.51 -8.52 14.51
N VAL B 225 13.27 -7.54 15.00
CA VAL B 225 13.87 -7.66 16.33
C VAL B 225 12.83 -7.13 17.33
N VAL B 226 11.94 -6.28 16.84
CA VAL B 226 10.87 -5.76 17.67
C VAL B 226 10.05 -6.99 18.01
N PRO B 227 9.69 -7.16 19.29
CA PRO B 227 8.91 -8.33 19.69
C PRO B 227 7.52 -8.38 19.06
N MET B 228 7.10 -9.59 18.71
CA MET B 228 5.78 -9.75 18.13
C MET B 228 4.70 -9.46 19.17
N PHE B 229 5.11 -9.25 20.41
CA PHE B 229 4.16 -8.91 21.48
C PHE B 229 4.15 -7.40 21.74
N HIS B 230 4.63 -6.62 20.78
CA HIS B 230 4.68 -5.16 20.86
C HIS B 230 4.31 -4.54 19.52
N VAL B 231 3.23 -3.77 19.50
CA VAL B 231 2.78 -3.12 18.26
C VAL B 231 2.80 -4.10 17.08
N ASN B 232 2.50 -5.37 17.36
CA ASN B 232 2.49 -6.40 16.33
C ASN B 232 3.80 -6.38 15.56
N ALA B 233 4.90 -6.19 16.29
CA ALA B 233 6.24 -6.12 15.69
C ALA B 233 6.23 -5.14 14.54
N TRP B 234 5.51 -4.03 14.70
CA TRP B 234 5.43 -2.98 13.68
C TRP B 234 4.63 -3.43 12.46
N CYS B 235 3.82 -4.47 12.64
CA CYS B 235 3.02 -5.03 11.56
C CYS B 235 3.96 -5.67 10.55
N LEU B 236 5.24 -5.75 10.89
CA LEU B 236 6.22 -6.35 10.01
C LEU B 236 5.86 -7.78 9.63
N PRO B 237 5.46 -8.60 10.60
CA PRO B 237 5.11 -9.97 10.22
C PRO B 237 3.99 -9.98 9.18
N TYR B 238 3.01 -9.08 9.35
CA TYR B 238 1.91 -8.99 8.41
C TYR B 238 2.36 -8.38 7.10
N ALA B 239 3.01 -7.23 7.15
CA ALA B 239 3.47 -6.55 5.95
C ALA B 239 4.47 -7.38 5.12
N ALA B 240 5.44 -7.99 5.80
CA ALA B 240 6.42 -8.81 5.12
C ALA B 240 5.72 -9.93 4.36
N THR B 241 4.66 -10.47 4.94
CA THR B 241 3.92 -11.54 4.30
C THR B 241 3.23 -11.01 3.05
N LEU B 242 2.59 -9.85 3.19
CA LEU B 242 1.90 -9.19 2.10
C LEU B 242 2.76 -9.07 0.83
N VAL B 243 4.00 -8.60 0.99
CA VAL B 243 4.89 -8.42 -0.15
C VAL B 243 5.64 -9.68 -0.55
N GLY B 244 5.59 -10.70 0.31
CA GLY B 244 6.27 -11.95 0.02
C GLY B 244 7.73 -11.97 0.39
N ALA B 245 8.14 -11.06 1.25
CA ALA B 245 9.53 -10.99 1.68
C ALA B 245 9.93 -12.17 2.55
N LYS B 246 11.21 -12.53 2.51
CA LYS B 246 11.72 -13.60 3.32
C LYS B 246 11.78 -13.05 4.74
N GLN B 247 11.38 -13.86 5.72
CA GLN B 247 11.40 -13.45 7.11
C GLN B 247 12.39 -14.27 7.92
N VAL B 248 13.09 -13.59 8.82
CA VAL B 248 14.06 -14.22 9.71
C VAL B 248 13.63 -13.81 11.12
N LEU B 249 13.03 -14.75 11.84
CA LEU B 249 12.53 -14.53 13.20
C LEU B 249 13.62 -15.02 14.15
N PRO B 250 14.26 -14.09 14.88
CA PRO B 250 15.35 -14.30 15.82
C PRO B 250 15.10 -15.01 17.15
N GLY B 251 13.84 -15.21 17.54
CA GLY B 251 13.61 -15.85 18.81
C GLY B 251 14.02 -14.92 19.95
N PRO B 252 14.22 -15.43 21.18
CA PRO B 252 14.62 -14.64 22.35
C PRO B 252 16.05 -14.11 22.35
N ARG B 253 16.98 -14.87 21.78
CA ARG B 253 18.40 -14.49 21.74
C ARG B 253 18.68 -13.24 20.90
N LEU B 254 18.68 -12.07 21.52
CA LEU B 254 18.94 -10.84 20.78
C LEU B 254 20.33 -10.27 21.02
N ASP B 255 21.26 -11.11 21.49
CA ASP B 255 22.63 -10.65 21.72
C ASP B 255 23.24 -10.36 20.33
N PRO B 256 24.23 -9.45 20.26
CA PRO B 256 24.90 -9.08 19.01
C PRO B 256 25.37 -10.23 18.13
N ALA B 257 26.18 -11.12 18.70
CA ALA B 257 26.71 -12.24 17.95
C ALA B 257 25.59 -13.03 17.28
N SER B 258 24.55 -13.34 18.04
CA SER B 258 23.43 -14.10 17.48
C SER B 258 22.78 -13.40 16.30
N LEU B 259 22.58 -12.09 16.42
CA LEU B 259 21.95 -11.34 15.34
C LEU B 259 22.85 -11.26 14.11
N VAL B 260 24.14 -10.96 14.33
CA VAL B 260 25.09 -10.87 13.22
C VAL B 260 25.07 -12.17 12.43
N GLU B 261 25.00 -13.28 13.16
CA GLU B 261 24.96 -14.60 12.57
C GLU B 261 23.77 -14.73 11.61
N LEU B 262 22.60 -14.22 12.03
CA LEU B 262 21.41 -14.27 11.20
C LEU B 262 21.51 -13.24 10.07
N PHE B 263 21.95 -12.03 10.42
CA PHE B 263 22.12 -10.97 9.42
C PHE B 263 22.92 -11.48 8.25
N ASP B 264 24.15 -11.92 8.51
CA ASP B 264 25.03 -12.41 7.44
C ASP B 264 24.60 -13.74 6.86
N GLY B 265 24.26 -14.68 7.74
CA GLY B 265 23.86 -15.99 7.28
C GLY B 265 22.62 -16.06 6.41
N GLU B 266 21.69 -15.13 6.60
CA GLU B 266 20.46 -15.16 5.82
C GLU B 266 20.30 -14.03 4.81
N GLY B 267 21.25 -13.11 4.78
CA GLY B 267 21.18 -11.99 3.84
C GLY B 267 20.10 -10.98 4.18
N VAL B 268 19.98 -10.64 5.46
CA VAL B 268 18.99 -9.67 5.89
C VAL B 268 19.26 -8.30 5.28
N THR B 269 18.21 -7.67 4.76
CA THR B 269 18.34 -6.35 4.14
C THR B 269 17.62 -5.28 4.95
N PHE B 270 16.62 -5.71 5.72
CA PHE B 270 15.85 -4.79 6.54
C PHE B 270 15.59 -5.36 7.93
N THR B 271 15.63 -4.50 8.92
CA THR B 271 15.38 -4.92 10.29
C THR B 271 14.83 -3.75 11.10
N ALA B 272 14.11 -4.07 12.17
CA ALA B 272 13.53 -3.07 13.05
C ALA B 272 13.68 -3.53 14.49
N GLY B 273 13.99 -2.59 15.38
CA GLY B 273 14.16 -2.93 16.78
C GLY B 273 14.25 -1.73 17.69
N VAL B 274 14.52 -1.98 18.96
CA VAL B 274 14.61 -0.92 19.96
C VAL B 274 16.06 -0.47 20.15
N PRO B 275 16.25 0.76 20.66
CA PRO B 275 17.57 1.36 20.90
C PRO B 275 18.59 0.51 21.65
N THR B 276 18.18 -0.17 22.72
CA THR B 276 19.14 -0.98 23.48
C THR B 276 19.75 -2.10 22.62
N VAL B 277 18.92 -2.82 21.88
CA VAL B 277 19.44 -3.90 21.05
C VAL B 277 20.41 -3.34 20.00
N TRP B 278 20.04 -2.20 19.41
CA TRP B 278 20.88 -1.58 18.39
C TRP B 278 22.16 -1.01 18.96
N LEU B 279 22.12 -0.51 20.19
CA LEU B 279 23.32 0.04 20.80
C LEU B 279 24.31 -1.11 21.01
N ALA B 280 23.82 -2.22 21.56
CA ALA B 280 24.68 -3.38 21.79
C ALA B 280 25.29 -3.83 20.46
N LEU B 281 24.47 -3.82 19.41
CA LEU B 281 24.92 -4.23 18.09
C LEU B 281 26.01 -3.30 17.55
N ALA B 282 25.81 -2.00 17.71
CA ALA B 282 26.78 -1.03 17.24
C ALA B 282 28.11 -1.19 18.00
N ASP B 283 28.05 -1.41 19.31
CA ASP B 283 29.28 -1.59 20.08
C ASP B 283 30.04 -2.80 19.54
N TYR B 284 29.33 -3.90 19.31
CA TYR B 284 29.92 -5.13 18.82
C TYR B 284 30.60 -4.93 17.47
N LEU B 285 29.86 -4.41 16.51
CA LEU B 285 30.41 -4.21 15.17
C LEU B 285 31.63 -3.30 15.17
N GLU B 286 31.59 -2.24 15.97
CA GLU B 286 32.71 -1.30 16.01
C GLU B 286 33.97 -1.86 16.66
N SER B 287 33.81 -2.59 17.77
CA SER B 287 34.96 -3.15 18.44
C SER B 287 35.59 -4.30 17.63
N THR B 288 34.76 -5.15 17.02
CA THR B 288 35.26 -6.28 16.23
C THR B 288 35.76 -5.85 14.86
N GLY B 289 35.24 -4.74 14.35
CA GLY B 289 35.63 -4.29 13.03
C GLY B 289 34.86 -5.03 11.95
N HIS B 290 33.88 -5.81 12.36
CA HIS B 290 33.08 -6.58 11.42
C HIS B 290 31.95 -5.70 10.89
N ARG B 291 31.58 -5.92 9.62
CA ARG B 291 30.50 -5.17 9.00
C ARG B 291 29.47 -6.13 8.43
N LEU B 292 28.22 -5.67 8.35
CA LEU B 292 27.13 -6.47 7.82
C LEU B 292 26.99 -6.21 6.32
N LYS B 293 27.35 -7.21 5.53
CA LYS B 293 27.31 -7.14 4.08
C LYS B 293 25.99 -6.82 3.39
N THR B 294 24.89 -7.42 3.84
CA THR B 294 23.61 -7.20 3.20
C THR B 294 22.66 -6.18 3.81
N LEU B 295 22.79 -5.91 5.11
CA LEU B 295 21.91 -4.96 5.78
C LEU B 295 21.97 -3.58 5.15
N ARG B 296 20.81 -3.07 4.75
CA ARG B 296 20.74 -1.76 4.12
C ARG B 296 19.84 -0.77 4.88
N ARG B 297 18.76 -1.26 5.49
CA ARG B 297 17.84 -0.39 6.19
C ARG B 297 17.57 -0.86 7.60
N LEU B 298 17.64 0.07 8.54
CA LEU B 298 17.36 -0.24 9.93
C LEU B 298 16.38 0.78 10.47
N VAL B 299 15.34 0.26 11.13
CA VAL B 299 14.34 1.11 11.74
C VAL B 299 14.47 0.96 13.25
N VAL B 300 14.36 2.08 13.96
CA VAL B 300 14.45 2.06 15.42
C VAL B 300 13.20 2.70 15.99
N GLY B 301 12.54 1.98 16.89
CA GLY B 301 11.32 2.50 17.50
C GLY B 301 11.40 2.50 19.02
N GLY B 302 10.32 2.93 19.67
CA GLY B 302 10.31 2.98 21.12
C GLY B 302 11.06 4.21 21.57
N SER B 303 12.02 4.02 22.47
CA SER B 303 12.81 5.14 22.96
C SER B 303 13.29 5.94 21.75
N ALA B 304 13.30 7.26 21.86
CA ALA B 304 13.78 8.08 20.76
C ALA B 304 15.24 7.69 20.58
N ALA B 305 15.63 7.36 19.36
CA ALA B 305 17.00 6.98 19.08
C ALA B 305 17.91 8.19 19.18
N PRO B 306 19.01 8.06 19.93
CA PRO B 306 19.93 9.18 20.08
C PRO B 306 20.66 9.46 18.76
N ARG B 307 21.05 10.72 18.59
CA ARG B 307 21.74 11.18 17.40
C ARG B 307 22.97 10.33 17.03
N SER B 308 23.76 9.94 18.03
CA SER B 308 24.95 9.14 17.78
C SER B 308 24.63 7.74 17.24
N LEU B 309 23.53 7.17 17.72
CA LEU B 309 23.13 5.84 17.27
C LEU B 309 22.88 5.84 15.76
N ILE B 310 22.21 6.88 15.29
CA ILE B 310 21.92 6.99 13.87
C ILE B 310 23.22 7.18 13.10
N ALA B 311 24.08 8.05 13.62
CA ALA B 311 25.35 8.34 12.96
C ALA B 311 26.28 7.13 12.89
N ARG B 312 26.32 6.34 13.96
CA ARG B 312 27.18 5.16 13.99
C ARG B 312 26.79 4.14 12.93
N PHE B 313 25.49 3.89 12.78
CA PHE B 313 25.03 2.94 11.77
C PHE B 313 25.11 3.51 10.36
N GLU B 314 24.88 4.82 10.25
CA GLU B 314 24.95 5.48 8.94
C GLU B 314 26.40 5.46 8.45
N ARG B 315 27.34 5.56 9.39
CA ARG B 315 28.75 5.54 9.02
C ARG B 315 29.11 4.15 8.45
N MET B 316 28.30 3.14 8.79
CA MET B 316 28.54 1.78 8.32
C MET B 316 27.71 1.40 7.10
N GLY B 317 27.21 2.39 6.39
CA GLY B 317 26.41 2.13 5.21
C GLY B 317 24.94 1.80 5.41
N VAL B 318 24.49 1.74 6.66
CA VAL B 318 23.10 1.42 6.97
C VAL B 318 22.21 2.65 7.14
N GLU B 319 21.16 2.75 6.32
CA GLU B 319 20.24 3.87 6.43
C GLU B 319 19.34 3.66 7.64
N VAL B 320 19.31 4.63 8.54
CA VAL B 320 18.48 4.54 9.74
C VAL B 320 17.22 5.39 9.62
N ARG B 321 16.11 4.85 10.11
CA ARG B 321 14.86 5.59 10.07
C ARG B 321 14.12 5.39 11.39
N GLN B 322 13.78 6.48 12.05
CA GLN B 322 13.06 6.41 13.32
C GLN B 322 11.59 6.23 13.07
N GLY B 323 10.88 5.78 14.10
CA GLY B 323 9.45 5.58 14.03
C GLY B 323 8.88 5.79 15.41
N TYR B 324 7.71 6.39 15.50
CA TYR B 324 7.06 6.64 16.78
C TYR B 324 5.72 5.97 16.84
N GLY B 325 5.57 5.13 17.86
CA GLY B 325 4.35 4.40 18.05
C GLY B 325 4.63 2.97 18.47
N LEU B 326 5.58 2.78 19.38
CA LEU B 326 5.91 1.45 19.87
C LEU B 326 5.09 1.13 21.12
N THR B 327 3.93 1.77 21.22
CA THR B 327 3.02 1.58 22.34
C THR B 327 1.61 1.37 21.76
N GLU B 328 0.78 0.60 22.45
CA GLU B 328 -0.57 0.32 21.97
C GLU B 328 -1.40 1.57 21.70
N THR B 329 -1.43 2.49 22.65
CA THR B 329 -2.20 3.73 22.51
C THR B 329 -1.79 4.56 21.29
N SER B 330 -0.49 4.65 21.05
CA SER B 330 -0.02 5.39 19.88
C SER B 330 0.86 4.47 19.04
N PRO B 331 0.23 3.69 18.12
CA PRO B 331 0.92 2.75 17.22
C PRO B 331 1.83 3.49 16.25
N VAL B 332 2.38 2.79 15.26
CA VAL B 332 3.26 3.45 14.30
C VAL B 332 2.46 4.50 13.52
N VAL B 333 2.66 5.77 13.84
CA VAL B 333 1.93 6.84 13.20
C VAL B 333 2.87 7.88 12.61
N VAL B 334 4.14 7.82 12.98
CA VAL B 334 5.14 8.75 12.49
C VAL B 334 6.40 8.01 12.08
N GLN B 335 6.90 8.30 10.88
CA GLN B 335 8.12 7.68 10.38
C GLN B 335 9.03 8.77 9.86
N ASN B 336 10.33 8.61 10.07
CA ASN B 336 11.26 9.63 9.62
C ASN B 336 11.92 9.33 8.30
N PHE B 337 11.98 10.34 7.45
CA PHE B 337 12.68 10.25 6.17
C PHE B 337 13.04 11.68 5.79
N VAL B 338 14.12 11.82 5.04
CA VAL B 338 14.57 13.14 4.63
C VAL B 338 13.85 13.61 3.37
N LYS B 339 13.20 14.77 3.44
CA LYS B 339 12.51 15.31 2.28
C LYS B 339 13.55 15.46 1.18
N SER B 340 13.09 15.46 -0.07
CA SER B 340 13.98 15.59 -1.20
C SER B 340 14.77 16.91 -1.20
N HIS B 341 14.10 18.03 -0.94
CA HIS B 341 14.78 19.33 -0.94
C HIS B 341 15.60 19.57 0.31
N LEU B 342 15.57 18.64 1.26
CA LEU B 342 16.35 18.80 2.48
C LEU B 342 17.61 17.94 2.40
N GLU B 343 17.80 17.30 1.25
CA GLU B 343 18.98 16.46 1.02
C GLU B 343 20.23 17.33 0.91
N SER B 344 20.04 18.62 0.70
CA SER B 344 21.14 19.56 0.54
C SER B 344 21.70 20.04 1.88
N LEU B 345 21.03 19.70 2.98
CA LEU B 345 21.49 20.08 4.30
C LEU B 345 22.89 19.51 4.55
N SER B 346 23.58 20.04 5.54
CA SER B 346 24.91 19.57 5.89
C SER B 346 24.76 18.27 6.67
N GLU B 347 25.83 17.48 6.76
CA GLU B 347 25.79 16.22 7.50
C GLU B 347 25.20 16.42 8.90
N GLU B 348 25.68 17.45 9.59
CA GLU B 348 25.21 17.73 10.94
C GLU B 348 23.73 18.07 10.99
N GLU B 349 23.29 18.96 10.10
CA GLU B 349 21.89 19.35 10.07
C GLU B 349 20.98 18.18 9.69
N LYS B 350 21.40 17.43 8.68
CA LYS B 350 20.64 16.28 8.20
C LYS B 350 20.55 15.25 9.33
N LEU B 351 21.65 15.11 10.08
CA LEU B 351 21.70 14.16 11.18
C LEU B 351 20.71 14.59 12.26
N THR B 352 20.62 15.90 12.47
CA THR B 352 19.70 16.45 13.46
C THR B 352 18.29 16.20 12.97
N LEU B 353 18.09 16.27 11.66
CA LEU B 353 16.79 16.02 11.06
C LEU B 353 16.41 14.55 11.30
N LYS B 354 17.30 13.64 10.91
CA LYS B 354 17.05 12.20 11.11
C LYS B 354 16.81 11.90 12.59
N ALA B 355 17.40 12.68 13.46
CA ALA B 355 17.24 12.47 14.90
C ALA B 355 15.85 12.84 15.38
N LYS B 356 15.10 13.56 14.54
CA LYS B 356 13.74 13.94 14.91
C LYS B 356 12.84 12.72 14.74
N THR B 357 11.75 12.68 15.49
CA THR B 357 10.84 11.55 15.44
C THR B 357 10.37 11.22 14.01
N GLY B 358 10.02 12.23 13.23
CA GLY B 358 9.59 11.99 11.85
C GLY B 358 8.35 12.72 11.37
N LEU B 359 7.84 12.30 10.22
CA LEU B 359 6.66 12.90 9.62
C LEU B 359 5.47 11.96 9.79
N PRO B 360 4.24 12.51 9.89
CA PRO B 360 3.06 11.65 10.05
C PRO B 360 2.94 10.80 8.79
N ILE B 361 2.61 9.52 8.93
CA ILE B 361 2.49 8.64 7.77
C ILE B 361 1.09 8.71 7.14
N PRO B 362 0.95 8.19 5.90
CA PRO B 362 -0.35 8.19 5.22
C PRO B 362 -1.51 7.69 6.11
N LEU B 363 -2.69 8.26 5.91
CA LEU B 363 -3.91 7.90 6.64
C LEU B 363 -3.95 8.37 8.07
N VAL B 364 -2.95 9.15 8.46
CA VAL B 364 -2.88 9.65 9.81
C VAL B 364 -3.02 11.16 9.87
N ARG B 365 -3.97 11.63 10.66
CA ARG B 365 -4.11 13.07 10.83
C ARG B 365 -3.51 13.35 12.22
N LEU B 366 -2.48 14.18 12.26
CA LEU B 366 -1.79 14.50 13.50
C LEU B 366 -1.63 16.00 13.74
N ARG B 367 -1.68 16.38 15.01
CA ARG B 367 -1.53 17.78 15.39
C ARG B 367 -0.92 17.86 16.79
N VAL B 368 -0.22 18.94 17.07
CA VAL B 368 0.37 19.14 18.38
C VAL B 368 -0.42 20.32 18.95
N ALA B 369 -1.26 20.03 19.94
CA ALA B 369 -2.13 21.07 20.49
C ALA B 369 -2.06 21.28 22.00
N ASP B 370 -2.76 22.32 22.45
CA ASP B 370 -2.83 22.67 23.87
C ASP B 370 -4.05 22.01 24.51
N GLU B 371 -4.32 22.36 25.76
CA GLU B 371 -5.44 21.78 26.48
C GLU B 371 -6.80 22.11 25.87
N GLU B 372 -6.80 23.00 24.90
CA GLU B 372 -8.04 23.40 24.23
C GLU B 372 -8.19 22.64 22.91
N GLY B 373 -7.13 21.95 22.51
CA GLY B 373 -7.14 21.20 21.27
C GLY B 373 -6.79 22.10 20.09
N ARG B 374 -6.20 23.25 20.40
CA ARG B 374 -5.79 24.20 19.38
C ARG B 374 -4.33 23.94 19.03
N PRO B 375 -4.02 23.90 17.73
CA PRO B 375 -2.65 23.67 17.27
C PRO B 375 -1.69 24.72 17.83
N VAL B 376 -0.51 24.28 18.24
CA VAL B 376 0.50 25.18 18.76
C VAL B 376 1.41 25.59 17.59
N PRO B 377 2.15 26.69 17.76
CA PRO B 377 3.05 27.19 16.71
C PRO B 377 4.02 26.15 16.17
N LYS B 378 4.17 26.12 14.85
CA LYS B 378 5.08 25.17 14.23
C LYS B 378 6.49 25.78 14.14
N ASP B 379 7.00 26.20 15.29
CA ASP B 379 8.32 26.82 15.38
C ASP B 379 9.39 25.89 15.94
N GLY B 380 8.99 24.66 16.26
CA GLY B 380 9.94 23.71 16.81
C GLY B 380 10.28 24.02 18.26
N LYS B 381 9.50 24.89 18.88
CA LYS B 381 9.74 25.27 20.28
C LYS B 381 8.48 25.13 21.12
N ALA B 382 7.36 25.63 20.61
CA ALA B 382 6.09 25.55 21.34
C ALA B 382 5.73 24.10 21.67
N LEU B 383 5.48 23.84 22.96
CA LEU B 383 5.12 22.52 23.42
C LEU B 383 3.62 22.28 23.38
N GLY B 384 3.25 21.06 23.01
CA GLY B 384 1.84 20.70 22.93
C GLY B 384 1.73 19.18 22.95
N GLU B 385 0.51 18.69 23.08
CA GLU B 385 0.28 17.24 23.11
C GLU B 385 -0.03 16.70 21.72
N VAL B 386 0.54 15.54 21.42
CA VAL B 386 0.32 14.88 20.14
C VAL B 386 -1.08 14.27 20.18
N GLN B 387 -1.94 14.68 19.25
CA GLN B 387 -3.30 14.14 19.20
C GLN B 387 -3.48 13.52 17.81
N LEU B 388 -4.18 12.39 17.73
CA LEU B 388 -4.33 11.68 16.48
C LEU B 388 -5.72 11.19 16.07
N LYS B 389 -5.88 10.99 14.76
CA LYS B 389 -7.09 10.45 14.15
C LYS B 389 -6.61 9.53 13.04
N GLY B 390 -7.20 8.35 12.93
CA GLY B 390 -6.79 7.43 11.89
C GLY B 390 -7.44 6.06 12.03
N PRO B 391 -7.36 5.22 10.98
CA PRO B 391 -7.93 3.88 10.94
C PRO B 391 -7.45 2.93 12.02
N TRP B 392 -6.22 3.15 12.51
CA TRP B 392 -5.68 2.26 13.53
C TRP B 392 -5.43 2.98 14.86
N ILE B 393 -6.06 4.13 15.02
CA ILE B 393 -5.94 4.88 16.26
C ILE B 393 -7.12 4.46 17.16
N THR B 394 -6.85 4.12 18.41
CA THR B 394 -7.95 3.70 19.26
C THR B 394 -8.84 4.87 19.67
N GLY B 395 -10.11 4.58 19.89
CA GLY B 395 -11.04 5.62 20.29
C GLY B 395 -11.47 5.44 21.74
N GLY B 396 -10.93 4.42 22.38
CA GLY B 396 -11.25 4.15 23.77
C GLY B 396 -10.53 2.89 24.23
N TYR B 397 -11.04 2.26 25.28
CA TYR B 397 -10.41 1.07 25.81
C TYR B 397 -11.42 -0.03 26.08
N TYR B 398 -10.93 -1.25 26.23
CA TYR B 398 -11.82 -2.37 26.50
C TYR B 398 -12.06 -2.51 28.01
N GLY B 399 -13.32 -2.57 28.39
CA GLY B 399 -13.70 -2.71 29.79
C GLY B 399 -13.08 -1.70 30.75
N ASN B 400 -13.27 -0.41 30.48
CA ASN B 400 -12.73 0.62 31.34
C ASN B 400 -13.32 1.99 30.98
N GLU B 401 -14.53 2.23 31.48
CA GLU B 401 -15.25 3.48 31.24
C GLU B 401 -14.45 4.75 31.49
N GLU B 402 -13.83 4.85 32.65
CA GLU B 402 -13.06 6.04 32.99
C GLU B 402 -12.00 6.37 31.95
N ALA B 403 -11.19 5.37 31.59
CA ALA B 403 -10.13 5.57 30.62
C ALA B 403 -10.70 5.97 29.25
N THR B 404 -11.81 5.33 28.87
CA THR B 404 -12.47 5.55 27.60
C THR B 404 -13.14 6.91 27.44
N ARG B 405 -13.85 7.34 28.49
CA ARG B 405 -14.56 8.62 28.45
C ARG B 405 -13.66 9.84 28.25
N SER B 406 -12.43 9.77 28.74
CA SER B 406 -11.52 10.89 28.62
C SER B 406 -10.39 10.65 27.62
N ALA B 407 -10.61 9.73 26.68
CA ALA B 407 -9.59 9.39 25.68
C ALA B 407 -9.53 10.37 24.52
N LEU B 408 -10.69 10.88 24.13
CA LEU B 408 -10.77 11.81 23.01
C LEU B 408 -11.05 13.26 23.37
N THR B 409 -10.67 14.14 22.46
CA THR B 409 -10.90 15.57 22.62
C THR B 409 -12.33 15.77 22.11
N PRO B 410 -12.95 16.92 22.42
CA PRO B 410 -14.31 17.17 21.96
C PRO B 410 -14.47 16.97 20.45
N ASP B 411 -13.40 17.23 19.70
CA ASP B 411 -13.46 17.08 18.25
C ASP B 411 -13.04 15.72 17.71
N GLY B 412 -12.90 14.74 18.60
CA GLY B 412 -12.56 13.39 18.18
C GLY B 412 -11.14 12.90 18.02
N PHE B 413 -10.15 13.67 18.50
CA PHE B 413 -8.77 13.25 18.39
C PHE B 413 -8.35 12.45 19.61
N PHE B 414 -7.47 11.47 19.41
CA PHE B 414 -6.99 10.67 20.53
C PHE B 414 -5.85 11.39 21.21
N ARG B 415 -5.88 11.44 22.53
CA ARG B 415 -4.83 12.11 23.29
C ARG B 415 -3.74 11.12 23.71
N THR B 416 -2.59 11.21 23.04
CA THR B 416 -1.47 10.31 23.29
C THR B 416 -0.83 10.44 24.66
N GLY B 417 -0.78 11.65 25.18
CA GLY B 417 -0.15 11.86 26.47
C GLY B 417 1.32 12.17 26.22
N ASP B 418 1.68 12.32 24.96
CA ASP B 418 3.06 12.63 24.59
C ASP B 418 3.19 14.11 24.23
N ILE B 419 4.25 14.74 24.71
CA ILE B 419 4.48 16.14 24.43
C ILE B 419 5.50 16.23 23.30
N ALA B 420 5.39 17.28 22.48
CA ALA B 420 6.32 17.44 21.39
C ALA B 420 6.21 18.82 20.76
N VAL B 421 7.06 19.04 19.77
CA VAL B 421 7.09 20.29 19.02
C VAL B 421 7.06 19.84 17.58
N TRP B 422 6.72 20.75 16.67
CA TRP B 422 6.70 20.41 15.26
C TRP B 422 7.08 21.66 14.47
N ASP B 423 7.69 21.46 13.29
CA ASP B 423 8.11 22.58 12.47
C ASP B 423 7.27 22.75 11.21
N GLU B 424 7.60 23.78 10.43
CA GLU B 424 6.89 24.08 9.20
C GLU B 424 7.01 22.99 8.14
N GLU B 425 8.05 22.16 8.26
CA GLU B 425 8.27 21.07 7.31
C GLU B 425 7.40 19.86 7.64
N GLY B 426 6.72 19.93 8.78
CA GLY B 426 5.85 18.86 9.20
C GLY B 426 6.47 17.91 10.22
N TYR B 427 7.78 18.02 10.41
CA TYR B 427 8.47 17.15 11.33
C TYR B 427 8.03 17.27 12.78
N VAL B 428 7.77 16.13 13.39
CA VAL B 428 7.35 16.07 14.77
C VAL B 428 8.55 15.59 15.58
N GLU B 429 8.70 16.14 16.78
CA GLU B 429 9.81 15.81 17.64
C GLU B 429 9.30 15.47 19.04
N ILE B 430 9.13 14.17 19.32
CA ILE B 430 8.63 13.71 20.60
C ILE B 430 9.56 14.06 21.75
N LYS B 431 8.99 14.74 22.74
CA LYS B 431 9.73 15.17 23.93
C LYS B 431 9.22 14.47 25.18
N ASP B 432 9.30 15.19 26.28
CA ASP B 432 8.86 14.72 27.58
C ASP B 432 7.43 14.15 27.51
N ARG B 433 6.98 13.56 28.61
CA ARG B 433 5.63 12.98 28.64
C ARG B 433 4.70 13.82 29.53
N LEU B 434 3.62 14.29 28.94
CA LEU B 434 2.60 15.12 29.60
C LEU B 434 2.73 15.34 31.11
N LYS B 435 2.63 14.26 31.87
CA LYS B 435 2.72 14.33 33.34
C LYS B 435 4.09 14.80 33.80
N ASP B 436 5.14 14.12 33.35
CA ASP B 436 6.52 14.45 33.71
C ASP B 436 6.91 15.88 33.34
N LEU B 437 5.97 16.63 32.78
CA LEU B 437 6.24 18.01 32.36
C LEU B 437 6.34 18.96 33.54
N ILE B 438 6.94 20.13 33.32
CA ILE B 438 7.09 21.10 34.41
C ILE B 438 6.39 22.42 34.13
N LYS B 439 5.25 22.62 34.79
CA LYS B 439 4.46 23.83 34.65
C LYS B 439 4.92 24.85 35.68
N SER B 440 5.82 25.74 35.26
CA SER B 440 6.37 26.76 36.15
C SER B 440 5.82 28.17 35.86
N GLY B 441 4.80 28.56 36.61
CA GLY B 441 4.21 29.89 36.44
C GLY B 441 3.70 30.20 35.05
N GLY B 442 2.67 29.48 34.60
CA GLY B 442 2.11 29.72 33.29
C GLY B 442 3.08 29.46 32.14
N GLU B 443 4.22 28.86 32.46
CA GLU B 443 5.22 28.54 31.45
C GLU B 443 5.51 27.03 31.50
N TRP B 444 6.08 26.50 30.43
CA TRP B 444 6.39 25.07 30.38
C TRP B 444 7.86 24.76 30.18
N ILE B 445 8.31 23.70 30.84
CA ILE B 445 9.70 23.27 30.75
C ILE B 445 9.72 21.76 30.56
N SER B 446 10.55 21.30 29.64
CA SER B 446 10.67 19.87 29.38
C SER B 446 11.78 19.29 30.25
N SER B 447 11.43 18.34 31.10
CA SER B 447 12.40 17.71 31.98
C SER B 447 13.31 16.82 31.15
N VAL B 448 12.76 16.21 30.12
CA VAL B 448 13.52 15.34 29.24
C VAL B 448 14.67 16.07 28.55
N ASP B 449 14.40 17.28 28.06
CA ASP B 449 15.42 18.08 27.39
C ASP B 449 16.54 18.41 28.35
N LEU B 450 16.18 18.85 29.56
CA LEU B 450 17.14 19.21 30.59
C LEU B 450 18.03 18.04 30.99
N GLU B 451 17.41 16.90 31.29
CA GLU B 451 18.18 15.71 31.70
C GLU B 451 19.06 15.15 30.60
N ASN B 452 18.58 15.18 29.36
CA ASN B 452 19.38 14.66 28.25
C ASN B 452 20.64 15.51 28.10
N ALA B 453 20.49 16.82 28.28
CA ALA B 453 21.62 17.74 28.18
C ALA B 453 22.60 17.50 29.32
N LEU B 454 22.06 17.36 30.53
CA LEU B 454 22.88 17.13 31.72
C LEU B 454 23.71 15.84 31.61
N MET B 455 23.08 14.77 31.14
CA MET B 455 23.78 13.50 30.99
C MET B 455 24.88 13.59 29.95
N GLY B 456 25.00 14.76 29.33
CA GLY B 456 26.04 14.97 28.33
C GLY B 456 27.33 15.38 29.02
N HIS B 457 27.20 16.04 30.16
CA HIS B 457 28.34 16.49 30.95
C HIS B 457 29.13 15.25 31.38
N PRO B 458 30.48 15.31 31.29
CA PRO B 458 31.35 14.20 31.67
C PRO B 458 31.22 13.73 33.12
N LYS B 459 30.99 14.66 34.05
CA LYS B 459 30.87 14.31 35.46
C LYS B 459 29.51 13.72 35.83
N VAL B 460 28.59 13.67 34.88
CA VAL B 460 27.27 13.12 35.13
C VAL B 460 27.11 11.75 34.46
N LYS B 461 26.80 10.74 35.27
CA LYS B 461 26.61 9.38 34.76
C LYS B 461 25.15 9.22 34.38
N GLU B 462 24.27 9.69 35.25
CA GLU B 462 22.84 9.63 35.02
C GLU B 462 22.14 10.80 35.70
N ALA B 463 21.18 11.39 35.01
CA ALA B 463 20.44 12.54 35.54
C ALA B 463 18.95 12.41 35.25
N ALA B 464 18.14 12.67 36.27
CA ALA B 464 16.69 12.62 36.15
C ALA B 464 16.07 13.91 36.67
N VAL B 465 15.51 14.70 35.77
CA VAL B 465 14.87 15.96 36.15
C VAL B 465 13.37 15.76 36.34
N VAL B 466 12.85 16.25 37.46
CA VAL B 466 11.43 16.11 37.75
C VAL B 466 10.83 17.42 38.26
N ALA B 467 9.51 17.50 38.22
CA ALA B 467 8.80 18.68 38.67
C ALA B 467 8.49 18.54 40.15
N ILE B 468 8.81 19.56 40.92
CA ILE B 468 8.56 19.55 42.37
C ILE B 468 7.68 20.74 42.75
N PRO B 469 6.67 20.50 43.61
CA PRO B 469 5.73 21.52 44.07
C PRO B 469 6.39 22.83 44.49
N HIS B 470 5.72 23.93 44.13
CA HIS B 470 6.16 25.29 44.45
C HIS B 470 5.17 26.27 43.84
N ARG B 476 8.93 24.29 39.48
CA ARG B 476 10.33 24.24 39.90
C ARG B 476 10.97 22.87 39.69
N PRO B 477 11.82 22.75 38.65
CA PRO B 477 12.50 21.49 38.34
C PRO B 477 13.58 21.13 39.37
N LEU B 478 13.75 19.83 39.60
CA LEU B 478 14.75 19.32 40.53
C LEU B 478 15.52 18.21 39.81
N ALA B 479 16.84 18.27 39.88
CA ALA B 479 17.67 17.27 39.21
C ALA B 479 18.36 16.33 40.18
N VAL B 480 18.12 15.04 40.01
CA VAL B 480 18.75 14.01 40.83
C VAL B 480 19.92 13.46 40.01
N VAL B 481 21.14 13.86 40.38
CA VAL B 481 22.34 13.43 39.66
C VAL B 481 23.02 12.19 40.24
N VAL B 482 23.73 11.47 39.37
CA VAL B 482 24.45 10.26 39.76
C VAL B 482 25.87 10.30 39.19
N GLU B 486 34.06 11.91 40.74
CA GLU B 486 33.76 13.08 41.55
C GLU B 486 32.48 13.75 41.09
N LYS B 487 31.65 14.15 42.05
CA LYS B 487 30.39 14.81 41.73
C LYS B 487 30.61 16.27 41.35
N PRO B 488 29.96 16.74 40.29
CA PRO B 488 30.09 18.13 39.82
C PRO B 488 29.36 19.12 40.72
N THR B 489 29.61 20.41 40.49
CA THR B 489 28.98 21.46 41.26
C THR B 489 27.73 21.95 40.53
N PRO B 490 26.72 22.42 41.27
CA PRO B 490 25.49 22.91 40.62
C PRO B 490 25.79 24.01 39.59
N GLU B 491 26.88 24.74 39.81
CA GLU B 491 27.26 25.82 38.90
C GLU B 491 27.81 25.26 37.59
N GLU B 492 28.62 24.21 37.68
CA GLU B 492 29.18 23.58 36.49
C GLU B 492 28.04 23.16 35.58
N LEU B 493 27.09 22.42 36.15
CA LEU B 493 25.93 21.94 35.40
C LEU B 493 25.05 23.07 34.88
N ASN B 494 25.00 24.19 35.61
CA ASN B 494 24.19 25.32 35.18
C ASN B 494 24.78 25.96 33.92
N GLU B 495 26.10 26.04 33.87
CA GLU B 495 26.76 26.63 32.70
C GLU B 495 26.71 25.65 31.52
N HIS B 496 26.74 24.36 31.84
CA HIS B 496 26.68 23.33 30.81
C HIS B 496 25.32 23.37 30.12
N LEU B 497 24.31 23.86 30.83
CA LEU B 497 22.96 23.98 30.29
C LEU B 497 22.79 25.31 29.56
N LEU B 498 23.46 26.35 30.06
CA LEU B 498 23.39 27.67 29.44
C LEU B 498 24.08 27.60 28.08
N LYS B 499 25.14 26.80 27.99
CA LYS B 499 25.87 26.63 26.75
C LYS B 499 25.12 25.67 25.84
N ALA B 500 23.90 25.34 26.23
CA ALA B 500 23.06 24.42 25.47
C ALA B 500 21.80 25.11 24.97
N GLY B 501 21.49 26.27 25.55
CA GLY B 501 20.30 27.00 25.14
C GLY B 501 19.76 27.87 26.26
N ASP B 509 14.96 25.67 42.18
CA ASP B 509 16.03 24.91 41.53
C ASP B 509 16.94 24.27 42.58
N ALA B 510 17.62 23.18 42.19
CA ALA B 510 18.52 22.47 43.09
C ALA B 510 18.97 21.15 42.47
N TYR B 511 20.19 20.74 42.80
CA TYR B 511 20.74 19.49 42.28
C TYR B 511 21.07 18.52 43.43
N VAL B 512 20.30 17.44 43.51
CA VAL B 512 20.51 16.43 44.54
C VAL B 512 21.41 15.36 43.94
N PHE B 513 21.95 14.48 44.78
CA PHE B 513 22.82 13.41 44.31
C PHE B 513 22.41 12.06 44.87
N ALA B 514 22.80 11.00 44.17
CA ALA B 514 22.49 9.63 44.58
C ALA B 514 23.42 8.65 43.87
N GLU B 515 23.40 7.40 44.31
CA GLU B 515 24.25 6.36 43.73
C GLU B 515 23.50 5.57 42.66
N GLU B 516 22.20 5.79 42.58
CA GLU B 516 21.36 5.10 41.60
C GLU B 516 19.96 5.70 41.60
N ILE B 517 19.33 5.68 40.43
CA ILE B 517 17.97 6.21 40.28
C ILE B 517 17.01 5.06 40.00
N PRO B 518 15.94 4.96 40.81
CA PRO B 518 14.93 3.91 40.67
C PRO B 518 14.47 3.68 39.23
N ARG B 519 14.72 2.47 38.72
CA ARG B 519 14.33 2.10 37.36
C ARG B 519 13.05 1.29 37.39
N THR B 520 12.93 0.36 36.45
CA THR B 520 11.75 -0.51 36.34
C THR B 520 12.16 -1.88 35.80
N PHE B 525 13.50 5.64 34.17
CA PHE B 525 13.46 6.50 35.35
C PHE B 525 12.10 6.49 36.04
N LEU B 526 12.06 5.89 37.22
CA LEU B 526 10.83 5.80 38.01
C LEU B 526 10.63 7.15 38.69
N LYS B 527 10.38 8.19 37.88
CA LYS B 527 10.16 9.55 38.38
C LYS B 527 8.99 9.64 39.35
N ARG B 528 8.14 8.62 39.33
CA ARG B 528 6.98 8.56 40.21
C ARG B 528 7.46 8.66 41.66
N ALA B 529 8.45 7.83 42.01
CA ALA B 529 9.01 7.79 43.34
C ALA B 529 9.73 9.09 43.69
N LEU B 530 10.52 9.60 42.74
CA LEU B 530 11.26 10.84 42.95
C LEU B 530 10.34 12.01 43.27
N ARG B 531 9.21 12.10 42.56
CA ARG B 531 8.26 13.18 42.80
C ARG B 531 7.76 13.17 44.24
N GLU B 532 7.64 11.99 44.81
CA GLU B 532 7.15 11.85 46.18
C GLU B 532 8.24 12.03 47.23
N GLN B 533 9.42 11.51 46.96
CA GLN B 533 10.53 11.65 47.89
C GLN B 533 10.81 13.11 48.19
N TYR B 534 11.03 13.88 47.13
CA TYR B 534 11.31 15.30 47.26
C TYR B 534 10.04 16.13 47.12
N LYS B 535 8.93 15.53 47.57
CA LYS B 535 7.62 16.16 47.51
C LYS B 535 7.63 17.59 48.03
N ASN B 536 8.26 17.80 49.18
CA ASN B 536 8.31 19.13 49.79
C ASN B 536 9.74 19.68 49.91
N TYR B 537 10.57 19.39 48.93
CA TYR B 537 11.96 19.85 48.94
C TYR B 537 12.03 21.37 48.76
N TYR B 538 11.03 21.95 48.10
CA TYR B 538 10.98 23.39 47.87
C TYR B 538 9.84 24.03 48.66
N GLY B 539 8.96 23.20 49.21
CA GLY B 539 7.84 23.71 49.98
C GLY B 539 6.64 24.04 49.09
C1 CIT C . -3.78 -9.29 -36.69
O1 CIT C . -3.51 -10.46 -36.22
O2 CIT C . -4.95 -9.05 -37.19
C2 CIT C . -2.64 -8.26 -36.58
C3 CIT C . -2.46 -7.13 -37.62
O7 CIT C . -1.20 -7.38 -38.40
C4 CIT C . -2.39 -5.80 -36.89
C5 CIT C . -2.22 -4.54 -37.65
O3 CIT C . -1.17 -4.01 -38.01
O4 CIT C . -3.26 -3.93 -37.97
C6 CIT C . -3.46 -7.07 -38.82
O5 CIT C . -4.53 -6.39 -38.57
O6 CIT C . -3.05 -7.73 -39.82
#